data_5Q1H
#
_entry.id   5Q1H
#
_cell.length_a   55.414
_cell.length_b   183.879
_cell.length_c   55.787
_cell.angle_alpha   90.000
_cell.angle_beta   98.360
_cell.angle_gamma   90.000
#
_symmetry.space_group_name_H-M   'P 1 21 1'
#
loop_
_entity.id
_entity.type
_entity.pdbx_description
1 polymer 'Bile acid receptor'
2 polymer 'COACTIVATOR PEPTIDE SRC-1 HD3'
3 non-polymer (2S)-N,2-dicyclohexyl-2-{2-[4-(1H-tetrazol-5-yl)phenyl]-1H-benzimidazol-1-yl}acetamide
4 water water
#
loop_
_entity_poly.entity_id
_entity_poly.type
_entity_poly.pdbx_seq_one_letter_code
_entity_poly.pdbx_strand_id
1 'polypeptide(L)'
;GSHMELTPDQQTLLHFIMDSYNKQRMPQEITNKILKEAFSAEENFLILTEMATNHVQVLVEFTKKLPGFQTLDHEDQIAL
LKGSAVEAMFLRSAEIFNKKLPSGHSDLLEARIRNSGISDEYITPMFSFYKSIGELKMTQEEYALLTAIVILSPDRQYIK
DREAVEKLQEPLLDVLQKLCKIHQPENPQHFACLLGRLTELRTFNHHHAEMLMSWRVNDHKFTPLLCEIWDVQ
;
A,C,E,G
2 'polypeptide(L)' KDHQLLRYLLDKDE B,D,F,H
#
# COMPACT_ATOMS: atom_id res chain seq x y z
N MET A 4 -18.46 18.99 -31.59
CA MET A 4 -17.71 18.73 -30.35
C MET A 4 -18.61 18.36 -29.15
N GLU A 5 -19.80 19.02 -29.01
CA GLU A 5 -20.76 18.77 -27.92
C GLU A 5 -21.68 17.57 -28.20
N LEU A 6 -22.36 17.04 -27.15
CA LEU A 6 -23.31 15.93 -27.31
C LEU A 6 -24.51 16.37 -28.15
N THR A 7 -24.85 15.58 -29.15
CA THR A 7 -25.97 15.78 -30.05
C THR A 7 -27.26 15.44 -29.28
N PRO A 8 -28.45 15.89 -29.74
CA PRO A 8 -29.70 15.53 -29.03
C PRO A 8 -29.83 14.01 -28.80
N ASP A 9 -29.42 13.19 -29.80
CA ASP A 9 -29.42 11.72 -29.78
C ASP A 9 -28.51 11.17 -28.65
N GLN A 10 -27.32 11.75 -28.52
CA GLN A 10 -26.35 11.33 -27.52
C GLN A 10 -26.81 11.68 -26.10
N GLN A 11 -27.42 12.87 -25.90
CA GLN A 11 -27.97 13.29 -24.59
C GLN A 11 -29.10 12.33 -24.18
N THR A 12 -29.94 11.94 -25.15
CA THR A 12 -31.05 11.01 -24.98
C THR A 12 -30.51 9.67 -24.54
N LEU A 13 -29.52 9.12 -25.28
CA LEU A 13 -28.90 7.84 -24.93
C LEU A 13 -28.27 7.93 -23.54
N LEU A 14 -27.55 9.03 -23.27
CA LEU A 14 -26.92 9.25 -21.96
C LEU A 14 -27.92 9.20 -20.78
N HIS A 15 -29.01 10.00 -20.83
CA HIS A 15 -30.02 10.07 -19.75
C HIS A 15 -30.72 8.75 -19.54
N PHE A 16 -30.97 8.02 -20.64
CA PHE A 16 -31.59 6.72 -20.61
C PHE A 16 -30.63 5.65 -19.99
N ILE A 17 -29.32 5.71 -20.32
CA ILE A 17 -28.34 4.78 -19.72
C ILE A 17 -28.28 5.06 -18.19
N MET A 18 -28.22 6.34 -17.80
CA MET A 18 -28.13 6.76 -16.40
C MET A 18 -29.32 6.27 -15.55
N ASP A 19 -30.55 6.45 -16.06
CA ASP A 19 -31.77 5.99 -15.39
C ASP A 19 -31.75 4.47 -15.20
N SER A 20 -31.35 3.72 -16.24
CA SER A 20 -31.25 2.25 -16.12
C SER A 20 -30.24 1.84 -15.07
N TYR A 21 -29.04 2.46 -15.09
CA TYR A 21 -27.96 2.14 -14.16
C TYR A 21 -28.34 2.41 -12.71
N ASN A 22 -29.12 3.46 -12.45
CA ASN A 22 -29.53 3.90 -11.12
C ASN A 22 -30.61 3.01 -10.47
N LYS A 23 -31.06 1.99 -11.20
CA LYS A 23 -32.01 1.00 -10.70
C LYS A 23 -31.26 -0.08 -9.86
N GLN A 24 -29.93 0.13 -9.65
CA GLN A 24 -29.09 -0.72 -8.84
C GLN A 24 -29.33 -0.45 -7.34
N ARG A 25 -28.95 -1.40 -6.49
CA ARG A 25 -29.05 -1.31 -5.04
C ARG A 25 -28.13 -0.11 -4.64
N MET A 26 -28.67 0.84 -3.89
CA MET A 26 -27.97 2.05 -3.49
C MET A 26 -26.67 1.82 -2.70
N PRO A 27 -25.59 2.58 -3.01
CA PRO A 27 -24.32 2.42 -2.28
C PRO A 27 -24.44 2.41 -0.77
N GLN A 28 -25.10 3.45 -0.22
CA GLN A 28 -25.33 3.67 1.22
C GLN A 28 -25.91 2.42 1.89
N GLU A 29 -26.86 1.71 1.24
CA GLU A 29 -27.47 0.47 1.72
C GLU A 29 -26.39 -0.59 2.04
N ILE A 30 -25.42 -0.74 1.11
CA ILE A 30 -24.29 -1.66 1.17
C ILE A 30 -23.28 -1.26 2.28
N THR A 31 -22.81 0.01 2.28
CA THR A 31 -21.83 0.49 3.27
C THR A 31 -22.42 0.61 4.69
N ASN A 32 -23.71 1.02 4.85
CA ASN A 32 -24.30 1.14 6.20
C ASN A 32 -24.24 -0.21 6.91
N LYS A 33 -24.55 -1.31 6.19
CA LYS A 33 -24.52 -2.67 6.74
C LYS A 33 -23.11 -3.04 7.22
N ILE A 34 -22.12 -2.87 6.34
CA ILE A 34 -20.69 -3.15 6.57
C ILE A 34 -20.14 -2.32 7.72
N LEU A 35 -20.47 -1.02 7.76
CA LEU A 35 -19.97 -0.12 8.80
C LEU A 35 -20.66 -0.28 10.15
N LYS A 36 -21.95 -0.67 10.13
CA LYS A 36 -22.81 -0.87 11.32
C LYS A 36 -22.18 -1.80 12.38
N GLU A 37 -21.55 -2.91 11.93
CA GLU A 37 -20.92 -3.92 12.79
C GLU A 37 -20.03 -4.88 12.01
N ALA A 38 -18.96 -5.38 12.68
CA ALA A 38 -18.03 -6.37 12.17
C ALA A 38 -18.69 -7.74 12.21
N PHE A 39 -18.69 -8.42 11.06
CA PHE A 39 -19.22 -9.76 10.91
C PHE A 39 -18.04 -10.68 10.72
N SER A 40 -18.22 -11.98 11.01
CA SER A 40 -17.21 -13.01 10.83
C SER A 40 -17.00 -13.22 9.31
N ALA A 41 -15.98 -14.03 8.92
CA ALA A 41 -15.71 -14.35 7.51
C ALA A 41 -16.88 -15.10 6.91
N GLU A 42 -17.48 -16.04 7.69
CA GLU A 42 -18.63 -16.86 7.31
C GLU A 42 -19.83 -16.01 6.96
N GLU A 43 -20.08 -14.97 7.75
CA GLU A 43 -21.22 -14.09 7.53
C GLU A 43 -20.98 -13.17 6.35
N ASN A 44 -19.74 -12.70 6.18
CA ASN A 44 -19.38 -11.80 5.08
C ASN A 44 -19.45 -12.49 3.74
N PHE A 45 -19.19 -13.80 3.72
CA PHE A 45 -19.22 -14.59 2.48
C PHE A 45 -20.66 -14.72 2.02
N LEU A 46 -21.57 -14.89 2.99
CA LEU A 46 -23.02 -14.96 2.80
C LEU A 46 -23.52 -13.61 2.26
N ILE A 47 -23.06 -12.48 2.85
CA ILE A 47 -23.40 -11.12 2.37
C ILE A 47 -22.90 -10.93 0.93
N LEU A 48 -21.64 -11.26 0.66
CA LEU A 48 -21.12 -11.18 -0.72
C LEU A 48 -22.01 -11.97 -1.72
N THR A 49 -22.32 -13.24 -1.45
CA THR A 49 -23.11 -14.03 -2.41
C THR A 49 -24.51 -13.47 -2.63
N GLU A 50 -25.16 -12.93 -1.59
CA GLU A 50 -26.49 -12.30 -1.75
C GLU A 50 -26.34 -10.98 -2.54
N MET A 51 -25.29 -10.18 -2.26
CA MET A 51 -25.02 -8.92 -2.98
C MET A 51 -24.76 -9.19 -4.46
N ALA A 52 -23.92 -10.23 -4.74
CA ALA A 52 -23.59 -10.58 -6.11
C ALA A 52 -24.76 -11.13 -6.87
N THR A 53 -25.64 -11.90 -6.20
CA THR A 53 -26.82 -12.50 -6.88
C THR A 53 -27.74 -11.36 -7.32
N ASN A 54 -28.02 -10.43 -6.40
CA ASN A 54 -28.83 -9.25 -6.73
C ASN A 54 -28.14 -8.38 -7.82
N HIS A 55 -26.81 -8.22 -7.78
CA HIS A 55 -26.09 -7.45 -8.78
C HIS A 55 -26.24 -8.02 -10.21
N VAL A 56 -26.08 -9.33 -10.36
CA VAL A 56 -26.21 -10.01 -11.65
C VAL A 56 -27.64 -9.86 -12.19
N GLN A 57 -28.64 -10.01 -11.31
CA GLN A 57 -30.05 -9.86 -11.65
C GLN A 57 -30.31 -8.47 -12.21
N VAL A 58 -29.78 -7.41 -11.56
CA VAL A 58 -29.97 -6.03 -12.03
C VAL A 58 -29.13 -5.80 -13.30
N LEU A 59 -27.92 -6.37 -13.38
CA LEU A 59 -27.04 -6.30 -14.56
C LEU A 59 -27.75 -6.85 -15.81
N VAL A 60 -28.42 -8.02 -15.71
CA VAL A 60 -29.16 -8.62 -16.83
C VAL A 60 -30.25 -7.62 -17.35
N GLU A 61 -31.02 -7.02 -16.42
CA GLU A 61 -32.04 -6.03 -16.77
C GLU A 61 -31.44 -4.79 -17.46
N PHE A 62 -30.31 -4.26 -16.94
CA PHE A 62 -29.62 -3.09 -17.50
C PHE A 62 -29.11 -3.40 -18.91
N THR A 63 -28.62 -4.64 -19.09
CA THR A 63 -28.07 -5.11 -20.36
C THR A 63 -29.17 -5.16 -21.46
N LYS A 64 -30.35 -5.76 -21.16
CA LYS A 64 -31.47 -5.86 -22.09
C LYS A 64 -31.97 -4.49 -22.60
N LYS A 65 -31.72 -3.41 -21.85
CA LYS A 65 -32.11 -2.03 -22.20
C LYS A 65 -31.04 -1.30 -22.99
N LEU A 66 -29.82 -1.87 -23.11
CA LEU A 66 -28.76 -1.25 -23.92
C LEU A 66 -29.20 -1.30 -25.38
N PRO A 67 -29.23 -0.14 -26.09
CA PRO A 67 -29.71 -0.13 -27.50
C PRO A 67 -29.08 -1.16 -28.43
N GLY A 68 -29.95 -2.00 -29.00
CA GLY A 68 -29.57 -3.02 -29.96
C GLY A 68 -29.14 -4.36 -29.40
N PHE A 69 -28.92 -4.47 -28.09
CA PHE A 69 -28.48 -5.72 -27.47
C PHE A 69 -29.46 -6.88 -27.74
N GLN A 70 -30.77 -6.61 -27.66
CA GLN A 70 -31.84 -7.59 -27.85
C GLN A 70 -31.94 -8.12 -29.31
N THR A 71 -31.30 -7.42 -30.28
CA THR A 71 -31.28 -7.86 -31.69
C THR A 71 -30.09 -8.81 -31.95
N LEU A 72 -29.12 -8.88 -31.01
CA LEU A 72 -27.99 -9.79 -31.16
C LEU A 72 -28.42 -11.24 -31.04
N ASP A 73 -27.59 -12.16 -31.59
CA ASP A 73 -27.73 -13.61 -31.52
C ASP A 73 -27.81 -14.02 -30.04
N HIS A 74 -28.83 -14.81 -29.68
CA HIS A 74 -29.08 -15.28 -28.31
C HIS A 74 -27.85 -15.90 -27.64
N GLU A 75 -27.03 -16.62 -28.43
CA GLU A 75 -25.81 -17.22 -27.88
C GLU A 75 -24.74 -16.15 -27.58
N ASP A 76 -24.64 -15.10 -28.43
CA ASP A 76 -23.72 -13.98 -28.25
C ASP A 76 -24.14 -13.14 -27.04
N GLN A 77 -25.46 -13.00 -26.82
CA GLN A 77 -26.02 -12.30 -25.66
C GLN A 77 -25.57 -13.01 -24.36
N ILE A 78 -25.63 -14.37 -24.30
CA ILE A 78 -25.19 -15.15 -23.12
C ILE A 78 -23.69 -14.94 -22.87
N ALA A 79 -22.87 -15.05 -23.94
CA ALA A 79 -21.41 -14.88 -23.86
C ALA A 79 -21.01 -13.47 -23.42
N LEU A 80 -21.75 -12.44 -23.87
CA LEU A 80 -21.46 -11.06 -23.44
C LEU A 80 -21.76 -10.88 -21.95
N LEU A 81 -22.87 -11.47 -21.48
CA LEU A 81 -23.24 -11.36 -20.09
C LEU A 81 -22.38 -12.17 -19.16
N LYS A 82 -22.12 -13.41 -19.52
CA LYS A 82 -21.24 -14.25 -18.71
C LYS A 82 -19.80 -13.66 -18.69
N GLY A 83 -19.32 -13.15 -19.82
CA GLY A 83 -17.97 -12.60 -19.93
C GLY A 83 -17.75 -11.29 -19.19
N SER A 84 -18.83 -10.57 -18.82
CA SER A 84 -18.74 -9.27 -18.17
C SER A 84 -19.21 -9.17 -16.74
N ALA A 85 -19.92 -10.18 -16.22
CA ALA A 85 -20.52 -10.08 -14.88
C ALA A 85 -19.52 -9.80 -13.72
N VAL A 86 -18.35 -10.40 -13.74
CA VAL A 86 -17.32 -10.21 -12.71
C VAL A 86 -16.68 -8.82 -12.81
N GLU A 87 -16.36 -8.37 -14.03
CA GLU A 87 -15.80 -7.03 -14.26
C GLU A 87 -16.80 -5.98 -13.78
N ALA A 88 -18.09 -6.12 -14.13
CA ALA A 88 -19.12 -5.14 -13.69
C ALA A 88 -19.27 -5.16 -12.16
N MET A 89 -19.12 -6.33 -11.51
CA MET A 89 -19.22 -6.37 -10.03
C MET A 89 -18.07 -5.61 -9.39
N PHE A 90 -16.83 -5.79 -9.89
CA PHE A 90 -15.68 -5.09 -9.35
C PHE A 90 -15.72 -3.56 -9.65
N LEU A 91 -16.25 -3.17 -10.84
CA LEU A 91 -16.39 -1.75 -11.21
C LEU A 91 -17.42 -1.09 -10.28
N ARG A 92 -18.56 -1.75 -10.04
CA ARG A 92 -19.58 -1.21 -9.12
C ARG A 92 -19.06 -1.17 -7.67
N SER A 93 -18.29 -2.19 -7.24
CA SER A 93 -17.70 -2.18 -5.89
C SER A 93 -16.73 -1.00 -5.74
N ALA A 94 -15.96 -0.70 -6.80
CA ALA A 94 -14.96 0.42 -6.80
C ALA A 94 -15.70 1.74 -6.70
N GLU A 95 -16.86 1.84 -7.37
CA GLU A 95 -17.69 3.05 -7.31
C GLU A 95 -18.10 3.27 -5.86
N ILE A 96 -18.68 2.22 -5.23
CA ILE A 96 -19.14 2.24 -3.85
C ILE A 96 -18.01 2.61 -2.92
N PHE A 97 -16.89 1.90 -3.00
CA PHE A 97 -15.71 2.16 -2.18
C PHE A 97 -15.30 3.62 -2.20
N ASN A 98 -15.35 4.27 -3.37
CA ASN A 98 -14.92 5.64 -3.58
C ASN A 98 -16.00 6.70 -3.35
N LYS A 99 -17.18 6.31 -2.83
CA LYS A 99 -18.22 7.28 -2.52
C LYS A 99 -17.80 8.04 -1.28
N LYS A 100 -17.88 9.38 -1.32
CA LYS A 100 -17.51 10.22 -0.19
C LYS A 100 -18.46 9.99 0.99
N LEU A 101 -17.89 9.68 2.15
CA LEU A 101 -18.63 9.42 3.39
C LEU A 101 -18.12 10.38 4.48
N PRO A 102 -18.83 10.59 5.62
CA PRO A 102 -18.28 11.45 6.69
C PRO A 102 -16.90 10.97 7.19
N SER A 103 -16.04 11.92 7.61
CA SER A 103 -14.67 11.72 8.11
C SER A 103 -14.47 10.45 8.96
N GLY A 104 -13.54 9.60 8.52
CA GLY A 104 -13.18 8.35 9.19
C GLY A 104 -13.95 7.11 8.75
N HIS A 105 -15.10 7.31 8.08
CA HIS A 105 -15.95 6.21 7.59
C HIS A 105 -15.30 5.37 6.50
N SER A 106 -14.66 5.99 5.48
CA SER A 106 -14.03 5.23 4.39
C SER A 106 -12.80 4.40 4.86
N ASP A 107 -12.14 4.83 5.96
CA ASP A 107 -11.02 4.14 6.58
C ASP A 107 -11.53 2.87 7.27
N LEU A 108 -12.71 2.95 7.96
CA LEU A 108 -13.35 1.81 8.62
C LEU A 108 -13.85 0.84 7.55
N LEU A 109 -14.39 1.37 6.42
CA LEU A 109 -14.85 0.58 5.27
C LEU A 109 -13.70 -0.25 4.74
N GLU A 110 -12.53 0.39 4.50
CA GLU A 110 -11.30 -0.27 4.04
C GLU A 110 -10.85 -1.35 5.07
N ALA A 111 -10.91 -1.03 6.37
CA ALA A 111 -10.53 -1.97 7.44
C ALA A 111 -11.47 -3.19 7.45
N ARG A 112 -12.79 -2.96 7.27
CA ARG A 112 -13.81 -4.01 7.23
C ARG A 112 -13.63 -4.92 6.03
N ILE A 113 -13.32 -4.32 4.85
CA ILE A 113 -13.06 -5.09 3.63
C ILE A 113 -11.75 -5.88 3.75
N ARG A 114 -10.65 -5.27 4.26
CA ARG A 114 -9.37 -5.96 4.49
C ARG A 114 -9.49 -7.16 5.44
N ASN A 115 -10.37 -7.06 6.45
CA ASN A 115 -10.59 -8.10 7.48
C ASN A 115 -11.84 -8.95 7.26
N SER A 116 -12.45 -8.91 6.05
CA SER A 116 -13.71 -9.59 5.76
C SER A 116 -13.65 -11.13 5.63
N GLY A 117 -12.50 -11.65 5.21
CA GLY A 117 -12.32 -13.07 4.95
C GLY A 117 -11.59 -13.32 3.64
N ILE A 118 -11.47 -12.29 2.76
CA ILE A 118 -10.72 -12.39 1.50
C ILE A 118 -9.25 -12.66 1.89
N SER A 119 -8.54 -13.51 1.11
CA SER A 119 -7.14 -13.81 1.35
C SER A 119 -6.25 -12.60 0.98
N ASP A 120 -5.05 -12.55 1.59
CA ASP A 120 -4.04 -11.50 1.42
C ASP A 120 -3.62 -11.31 -0.04
N GLU A 121 -3.47 -12.42 -0.78
CA GLU A 121 -3.12 -12.48 -2.20
C GLU A 121 -4.09 -11.68 -3.10
N TYR A 122 -5.41 -11.67 -2.76
CA TYR A 122 -6.40 -10.98 -3.57
C TYR A 122 -6.79 -9.59 -3.05
N ILE A 123 -6.46 -9.26 -1.79
CA ILE A 123 -6.72 -7.92 -1.22
C ILE A 123 -5.91 -6.82 -1.95
N THR A 124 -4.59 -7.06 -2.18
CA THR A 124 -3.65 -6.11 -2.80
C THR A 124 -4.09 -5.68 -4.22
N PRO A 125 -4.20 -6.56 -5.27
CA PRO A 125 -4.73 -6.08 -6.57
C PRO A 125 -6.13 -5.43 -6.48
N MET A 126 -7.00 -5.93 -5.55
CA MET A 126 -8.34 -5.36 -5.35
C MET A 126 -8.27 -3.91 -4.88
N PHE A 127 -7.47 -3.64 -3.84
CA PHE A 127 -7.31 -2.29 -3.31
C PHE A 127 -6.53 -1.37 -4.22
N SER A 128 -5.58 -1.90 -5.00
CA SER A 128 -4.82 -1.12 -5.98
C SER A 128 -5.81 -0.63 -7.07
N PHE A 129 -6.74 -1.49 -7.51
CA PHE A 129 -7.77 -1.11 -8.49
C PHE A 129 -8.69 -0.02 -7.97
N TYR A 130 -9.19 -0.16 -6.72
CA TYR A 130 -10.12 0.78 -6.07
C TYR A 130 -9.50 2.14 -5.91
N LYS A 131 -8.20 2.20 -5.52
CA LYS A 131 -7.52 3.47 -5.35
C LYS A 131 -7.27 4.15 -6.68
N SER A 132 -6.81 3.40 -7.69
CA SER A 132 -6.55 3.93 -9.01
C SER A 132 -7.86 4.41 -9.69
N ILE A 133 -9.00 3.75 -9.39
CA ILE A 133 -10.32 4.19 -9.82
C ILE A 133 -10.63 5.49 -9.12
N GLY A 134 -10.39 5.54 -7.80
CA GLY A 134 -10.62 6.71 -6.98
C GLY A 134 -9.94 7.98 -7.48
N GLU A 135 -8.68 7.85 -7.94
CA GLU A 135 -7.86 8.96 -8.46
C GLU A 135 -8.50 9.60 -9.70
N LEU A 136 -9.18 8.80 -10.53
CA LEU A 136 -9.87 9.25 -11.74
C LEU A 136 -11.03 10.23 -11.48
N LYS A 137 -11.61 10.21 -10.25
CA LYS A 137 -12.73 11.07 -9.81
C LYS A 137 -13.92 10.99 -10.78
N MET A 138 -14.36 9.77 -11.04
CA MET A 138 -15.43 9.49 -11.98
C MET A 138 -16.83 9.99 -11.54
N THR A 139 -17.59 10.48 -12.51
CA THR A 139 -18.97 10.93 -12.24
C THR A 139 -19.87 9.68 -12.40
N GLN A 140 -21.13 9.76 -11.97
CA GLN A 140 -22.06 8.66 -12.14
C GLN A 140 -22.22 8.25 -13.65
N GLU A 141 -22.21 9.24 -14.58
CA GLU A 141 -22.34 8.98 -16.02
C GLU A 141 -21.19 8.17 -16.57
N GLU A 142 -19.96 8.44 -16.08
CA GLU A 142 -18.75 7.73 -16.48
C GLU A 142 -18.83 6.29 -16.01
N TYR A 143 -19.25 6.04 -14.74
CA TYR A 143 -19.43 4.66 -14.25
C TYR A 143 -20.51 3.89 -15.08
N ALA A 144 -21.63 4.54 -15.43
CA ALA A 144 -22.73 3.95 -16.22
C ALA A 144 -22.28 3.63 -17.66
N LEU A 145 -21.64 4.59 -18.35
CA LEU A 145 -21.16 4.35 -19.71
C LEU A 145 -20.06 3.32 -19.75
N LEU A 146 -19.11 3.37 -18.80
CA LEU A 146 -18.04 2.40 -18.72
C LEU A 146 -18.58 0.96 -18.49
N THR A 147 -19.63 0.82 -17.70
CA THR A 147 -20.25 -0.49 -17.46
C THR A 147 -20.87 -1.01 -18.76
N ALA A 148 -21.60 -0.13 -19.47
CA ALA A 148 -22.19 -0.45 -20.76
C ALA A 148 -21.11 -0.88 -21.77
N ILE A 149 -19.96 -0.20 -21.77
CA ILE A 149 -18.83 -0.46 -22.69
C ILE A 149 -18.13 -1.82 -22.36
N VAL A 150 -18.05 -2.15 -21.06
CA VAL A 150 -17.52 -3.41 -20.54
C VAL A 150 -18.44 -4.58 -21.00
N ILE A 151 -19.76 -4.43 -20.90
CA ILE A 151 -20.72 -5.43 -21.32
C ILE A 151 -20.63 -5.63 -22.85
N LEU A 152 -20.69 -4.54 -23.62
CA LEU A 152 -20.67 -4.58 -25.08
C LEU A 152 -19.26 -4.72 -25.66
N SER A 153 -18.43 -5.55 -25.02
CA SER A 153 -17.07 -5.77 -25.48
CA SER A 153 -17.07 -5.77 -25.48
C SER A 153 -17.07 -6.76 -26.65
N PRO A 154 -16.77 -6.30 -27.90
CA PRO A 154 -16.81 -7.21 -29.06
C PRO A 154 -15.78 -8.31 -29.00
N ASP A 155 -14.67 -8.04 -28.31
CA ASP A 155 -13.51 -8.89 -28.16
C ASP A 155 -13.63 -9.85 -26.96
N ARG A 156 -14.80 -10.50 -26.86
CA ARG A 156 -15.06 -11.52 -25.85
C ARG A 156 -14.96 -12.91 -26.46
N GLN A 157 -14.48 -13.87 -25.67
CA GLN A 157 -14.35 -15.28 -26.06
C GLN A 157 -15.75 -15.85 -26.19
N TYR A 158 -15.97 -16.65 -27.24
CA TYR A 158 -17.20 -17.36 -27.60
C TYR A 158 -18.20 -16.47 -28.35
N ILE A 159 -17.73 -15.33 -28.90
CA ILE A 159 -18.57 -14.43 -29.68
C ILE A 159 -18.43 -14.81 -31.15
N LYS A 160 -19.56 -15.02 -31.82
CA LYS A 160 -19.61 -15.41 -33.22
C LYS A 160 -19.66 -14.21 -34.16
N ASP A 161 -20.45 -13.17 -33.81
CA ASP A 161 -20.60 -11.97 -34.65
C ASP A 161 -20.06 -10.74 -33.90
N ARG A 162 -18.78 -10.43 -34.15
CA ARG A 162 -18.06 -9.34 -33.51
C ARG A 162 -18.43 -7.94 -33.99
N GLU A 163 -18.72 -7.78 -35.29
CA GLU A 163 -19.07 -6.48 -35.83
C GLU A 163 -20.41 -5.97 -35.29
N ALA A 164 -21.41 -6.87 -35.11
CA ALA A 164 -22.72 -6.53 -34.55
C ALA A 164 -22.55 -5.95 -33.14
N VAL A 165 -21.60 -6.49 -32.38
CA VAL A 165 -21.28 -6.01 -31.02
C VAL A 165 -20.52 -4.67 -31.13
N GLU A 166 -19.52 -4.58 -32.05
CA GLU A 166 -18.71 -3.37 -32.30
C GLU A 166 -19.59 -2.20 -32.65
N LYS A 167 -20.64 -2.44 -33.46
CA LYS A 167 -21.59 -1.41 -33.88
C LYS A 167 -22.37 -0.83 -32.72
N LEU A 168 -22.62 -1.64 -31.68
CA LEU A 168 -23.35 -1.19 -30.49
C LEU A 168 -22.45 -0.47 -29.47
N GLN A 169 -21.20 -0.86 -29.40
CA GLN A 169 -20.26 -0.28 -28.47
C GLN A 169 -19.72 1.09 -28.92
N GLU A 170 -19.44 1.24 -30.22
CA GLU A 170 -18.91 2.47 -30.81
C GLU A 170 -19.72 3.72 -30.41
N PRO A 171 -21.07 3.78 -30.56
CA PRO A 171 -21.77 5.00 -30.09
C PRO A 171 -21.59 5.27 -28.59
N LEU A 172 -21.30 4.22 -27.78
CA LEU A 172 -21.11 4.40 -26.34
C LEU A 172 -19.74 4.96 -26.08
N LEU A 173 -18.74 4.47 -26.82
CA LEU A 173 -17.36 4.98 -26.76
C LEU A 173 -17.35 6.47 -27.15
N ASP A 174 -18.06 6.86 -28.21
CA ASP A 174 -18.17 8.27 -28.66
C ASP A 174 -18.82 9.20 -27.64
N VAL A 175 -19.89 8.74 -26.96
CA VAL A 175 -20.51 9.53 -25.89
C VAL A 175 -19.53 9.70 -24.71
N LEU A 176 -18.87 8.58 -24.30
CA LEU A 176 -17.92 8.62 -23.20
C LEU A 176 -16.79 9.61 -23.44
N GLN A 177 -16.23 9.60 -24.63
CA GLN A 177 -15.16 10.50 -25.03
C GLN A 177 -15.56 11.95 -24.93
N LYS A 178 -16.74 12.30 -25.49
CA LYS A 178 -17.27 13.67 -25.42
C LYS A 178 -17.49 14.07 -23.96
N LEU A 179 -18.07 13.17 -23.14
CA LEU A 179 -18.26 13.42 -21.71
C LEU A 179 -16.97 13.77 -21.01
N CYS A 180 -15.88 13.05 -21.32
CA CYS A 180 -14.55 13.27 -20.73
C CYS A 180 -13.96 14.61 -21.14
N LYS A 181 -14.09 14.95 -22.44
CA LYS A 181 -13.60 16.18 -23.08
C LYS A 181 -14.37 17.44 -22.65
N ILE A 182 -15.35 17.27 -21.73
CA ILE A 182 -16.22 18.32 -21.19
C ILE A 182 -16.10 18.37 -19.65
N HIS A 183 -16.23 17.23 -18.95
CA HIS A 183 -16.11 17.12 -17.49
C HIS A 183 -14.69 17.40 -16.99
N GLN A 184 -13.66 17.04 -17.79
CA GLN A 184 -12.24 17.22 -17.46
C GLN A 184 -11.44 17.78 -18.65
N PRO A 185 -11.67 19.04 -19.10
CA PRO A 185 -10.87 19.58 -20.22
C PRO A 185 -9.37 19.74 -19.91
N GLU A 186 -9.01 19.90 -18.62
CA GLU A 186 -7.62 20.04 -18.14
C GLU A 186 -6.85 18.70 -18.07
N ASN A 187 -7.53 17.56 -18.29
CA ASN A 187 -6.91 16.22 -18.30
C ASN A 187 -7.28 15.52 -19.63
N PRO A 188 -6.51 15.78 -20.71
CA PRO A 188 -6.85 15.19 -22.01
C PRO A 188 -6.67 13.67 -22.12
N GLN A 189 -5.95 13.03 -21.20
CA GLN A 189 -5.76 11.58 -21.24
C GLN A 189 -6.85 10.83 -20.48
N HIS A 190 -7.74 11.55 -19.75
CA HIS A 190 -8.79 10.98 -18.91
C HIS A 190 -9.56 9.83 -19.60
N PHE A 191 -10.01 10.06 -20.84
CA PHE A 191 -10.73 9.04 -21.62
C PHE A 191 -9.87 7.79 -21.81
N ALA A 192 -8.61 7.93 -22.31
CA ALA A 192 -7.71 6.79 -22.53
C ALA A 192 -7.40 6.08 -21.22
N CYS A 193 -7.28 6.85 -20.15
CA CYS A 193 -7.01 6.28 -18.84
C CYS A 193 -8.20 5.46 -18.27
N LEU A 194 -9.50 5.85 -18.54
CA LEU A 194 -10.70 5.05 -18.15
C LEU A 194 -10.67 3.70 -18.88
N LEU A 195 -10.39 3.75 -20.19
CA LEU A 195 -10.32 2.57 -21.04
C LEU A 195 -9.16 1.66 -20.61
N GLY A 196 -8.08 2.24 -20.11
CA GLY A 196 -6.92 1.50 -19.61
C GLY A 196 -7.22 0.69 -18.36
N ARG A 197 -8.16 1.18 -17.54
CA ARG A 197 -8.62 0.53 -16.31
C ARG A 197 -9.47 -0.70 -16.59
N LEU A 198 -10.01 -0.82 -17.83
CA LEU A 198 -10.80 -1.97 -18.32
C LEU A 198 -9.89 -3.17 -18.51
N THR A 199 -8.65 -2.92 -18.95
CA THR A 199 -7.61 -3.94 -19.12
C THR A 199 -7.25 -4.54 -17.75
N GLU A 200 -7.31 -3.72 -16.67
CA GLU A 200 -7.07 -4.11 -15.28
C GLU A 200 -8.22 -5.00 -14.80
N LEU A 201 -9.48 -4.61 -15.10
CA LEU A 201 -10.70 -5.38 -14.77
C LEU A 201 -10.67 -6.80 -15.35
N ARG A 202 -10.11 -6.98 -16.58
CA ARG A 202 -10.07 -8.30 -17.22
C ARG A 202 -9.27 -9.33 -16.43
N THR A 203 -8.16 -8.88 -15.78
CA THR A 203 -7.31 -9.73 -14.95
C THR A 203 -8.05 -10.29 -13.74
N PHE A 204 -9.04 -9.53 -13.18
CA PHE A 204 -9.85 -9.98 -12.04
C PHE A 204 -10.71 -11.17 -12.40
N ASN A 205 -11.18 -11.22 -13.65
CA ASN A 205 -12.07 -12.26 -14.15
C ASN A 205 -11.33 -13.62 -14.31
N HIS A 206 -10.06 -13.58 -14.70
CA HIS A 206 -9.25 -14.78 -14.93
C HIS A 206 -8.90 -15.55 -13.63
N HIS A 207 -8.65 -14.85 -12.51
CA HIS A 207 -8.32 -15.50 -11.24
C HIS A 207 -9.50 -15.49 -10.25
N HIS A 208 -10.68 -15.09 -10.73
CA HIS A 208 -11.91 -15.00 -9.94
C HIS A 208 -12.29 -16.28 -9.20
N ALA A 209 -12.37 -17.42 -9.90
CA ALA A 209 -12.71 -18.69 -9.25
C ALA A 209 -11.78 -18.96 -8.02
N GLU A 210 -10.46 -18.70 -8.17
CA GLU A 210 -9.42 -18.89 -7.14
C GLU A 210 -9.58 -17.92 -6.00
N MET A 211 -9.90 -16.64 -6.29
CA MET A 211 -10.15 -15.64 -5.27
C MET A 211 -11.34 -16.09 -4.38
N LEU A 212 -12.43 -16.60 -5.00
CA LEU A 212 -13.61 -17.07 -4.28
C LEU A 212 -13.32 -18.25 -3.37
N MET A 213 -12.58 -19.24 -3.85
CA MET A 213 -12.28 -20.47 -3.11
C MET A 213 -11.23 -20.25 -2.01
N SER A 214 -10.46 -19.16 -2.06
CA SER A 214 -9.46 -18.83 -1.04
C SER A 214 -10.00 -17.97 0.12
N TRP A 215 -11.29 -17.59 0.08
CA TRP A 215 -11.95 -16.88 1.18
C TRP A 215 -11.81 -17.79 2.43
N ARG A 216 -11.51 -17.21 3.59
CA ARG A 216 -11.29 -17.95 4.84
C ARG A 216 -12.59 -18.45 5.49
N VAL A 217 -13.30 -19.33 4.80
CA VAL A 217 -14.54 -19.93 5.31
C VAL A 217 -14.42 -21.45 5.24
N ASN A 218 -15.26 -22.18 5.97
CA ASN A 218 -15.22 -23.65 6.00
C ASN A 218 -15.86 -24.26 4.77
N ASP A 219 -16.86 -23.59 4.20
CA ASP A 219 -17.60 -24.09 3.05
C ASP A 219 -17.97 -22.93 2.16
N HIS A 220 -17.74 -23.07 0.84
CA HIS A 220 -18.04 -22.05 -0.14
C HIS A 220 -19.37 -22.38 -0.86
N LYS A 221 -20.48 -21.95 -0.28
CA LYS A 221 -21.82 -22.16 -0.84
C LYS A 221 -22.19 -21.00 -1.80
N PHE A 222 -22.64 -21.33 -3.00
CA PHE A 222 -23.08 -20.34 -3.99
C PHE A 222 -24.52 -20.58 -4.40
N THR A 223 -25.20 -19.54 -4.91
CA THR A 223 -26.57 -19.70 -5.40
C THR A 223 -26.50 -20.34 -6.80
N PRO A 224 -27.61 -20.92 -7.32
CA PRO A 224 -27.56 -21.54 -8.66
C PRO A 224 -27.22 -20.54 -9.77
N LEU A 225 -27.66 -19.29 -9.66
CA LEU A 225 -27.33 -18.27 -10.66
C LEU A 225 -25.80 -17.95 -10.65
N LEU A 226 -25.17 -17.90 -9.45
CA LEU A 226 -23.72 -17.66 -9.35
C LEU A 226 -22.89 -18.86 -9.84
N CYS A 227 -23.33 -20.09 -9.58
CA CYS A 227 -22.67 -21.26 -10.13
C CYS A 227 -22.46 -21.11 -11.65
N GLU A 228 -23.53 -20.77 -12.40
CA GLU A 228 -23.50 -20.55 -13.87
C GLU A 228 -22.63 -19.38 -14.30
N ILE A 229 -22.80 -18.22 -13.65
CA ILE A 229 -22.06 -17.00 -14.01
C ILE A 229 -20.56 -17.04 -13.60
N TRP A 230 -20.24 -17.56 -12.42
CA TRP A 230 -18.88 -17.61 -11.90
C TRP A 230 -18.14 -18.92 -12.18
N ASP A 231 -18.79 -19.93 -12.79
CA ASP A 231 -18.16 -21.22 -13.08
C ASP A 231 -17.57 -21.89 -11.82
N VAL A 232 -18.35 -21.93 -10.74
CA VAL A 232 -17.93 -22.50 -9.47
C VAL A 232 -18.84 -23.64 -9.05
N ASP B 2 -24.09 -24.87 -20.91
CA ASP B 2 -25.53 -24.88 -20.67
C ASP B 2 -26.06 -23.46 -20.40
N HIS B 3 -25.85 -22.93 -19.16
CA HIS B 3 -26.27 -21.61 -18.69
C HIS B 3 -27.81 -21.40 -18.86
N GLN B 4 -28.59 -22.35 -18.36
CA GLN B 4 -30.06 -22.32 -18.45
C GLN B 4 -30.72 -21.18 -17.64
N LEU B 5 -30.14 -20.74 -16.51
CA LEU B 5 -30.73 -19.62 -15.74
C LEU B 5 -30.49 -18.31 -16.44
N LEU B 6 -29.31 -18.17 -17.06
CA LEU B 6 -28.92 -16.99 -17.84
C LEU B 6 -29.79 -16.88 -19.07
N ARG B 7 -29.93 -17.99 -19.83
CA ARG B 7 -30.78 -18.09 -21.03
C ARG B 7 -32.20 -17.64 -20.69
N TYR B 8 -32.72 -18.17 -19.55
CA TYR B 8 -34.04 -17.83 -19.05
C TYR B 8 -34.16 -16.34 -18.79
N LEU B 9 -33.25 -15.76 -17.95
CA LEU B 9 -33.30 -14.33 -17.63
C LEU B 9 -33.26 -13.44 -18.88
N LEU B 10 -32.47 -13.83 -19.88
CA LEU B 10 -32.29 -13.11 -21.14
C LEU B 10 -33.50 -13.17 -22.04
N ASP B 11 -34.19 -14.33 -22.09
CA ASP B 11 -35.39 -14.52 -22.92
C ASP B 11 -36.59 -13.82 -22.28
N LYS B 12 -37.09 -14.35 -21.14
CA LYS B 12 -38.16 -13.88 -20.25
C LYS B 12 -39.09 -12.80 -20.84
N MET C 4 -4.23 -11.78 7.59
CA MET C 4 -3.45 -12.46 8.61
C MET C 4 -4.33 -13.22 9.61
N GLU C 5 -3.96 -14.50 9.86
CA GLU C 5 -4.60 -15.45 10.77
C GLU C 5 -3.45 -16.18 11.47
N LEU C 6 -3.65 -16.67 12.72
CA LEU C 6 -2.63 -17.47 13.40
C LEU C 6 -2.45 -18.82 12.71
N THR C 7 -1.21 -19.30 12.62
CA THR C 7 -0.90 -20.61 12.05
C THR C 7 -1.21 -21.64 13.17
N PRO C 8 -1.46 -22.94 12.87
CA PRO C 8 -1.71 -23.89 13.98
C PRO C 8 -0.61 -23.84 15.05
N ASP C 9 0.68 -23.76 14.64
CA ASP C 9 1.83 -23.66 15.57
CA ASP C 9 1.82 -23.68 15.58
C ASP C 9 1.70 -22.49 16.52
N GLN C 10 1.32 -21.31 15.97
CA GLN C 10 1.16 -20.15 16.84
C GLN C 10 -0.01 -20.31 17.79
N GLN C 11 -1.09 -21.00 17.38
CA GLN C 11 -2.27 -21.22 18.20
C GLN C 11 -1.93 -22.16 19.35
N THR C 12 -1.11 -23.20 19.08
CA THR C 12 -0.65 -24.15 20.06
C THR C 12 0.22 -23.43 21.09
N LEU C 13 1.16 -22.60 20.62
CA LEU C 13 2.04 -21.81 21.50
C LEU C 13 1.22 -20.85 22.36
N LEU C 14 0.27 -20.15 21.76
CA LEU C 14 -0.58 -19.24 22.49
C LEU C 14 -1.34 -19.99 23.61
N HIS C 15 -1.91 -21.19 23.31
CA HIS C 15 -2.63 -22.02 24.31
C HIS C 15 -1.72 -22.45 25.45
N PHE C 16 -0.49 -22.83 25.12
CA PHE C 16 0.55 -23.21 26.07
C PHE C 16 0.85 -22.05 27.04
N ILE C 17 1.06 -20.80 26.50
CA ILE C 17 1.36 -19.57 27.25
C ILE C 17 0.19 -19.26 28.20
N MET C 18 -1.06 -19.26 27.68
CA MET C 18 -2.29 -18.99 28.40
C MET C 18 -2.47 -19.88 29.60
N ASP C 19 -2.21 -21.18 29.44
CA ASP C 19 -2.28 -22.18 30.51
C ASP C 19 -1.28 -21.90 31.60
N SER C 20 -0.07 -21.41 31.26
CA SER C 20 0.91 -21.04 32.28
C SER C 20 0.45 -19.72 32.96
N TYR C 21 -0.02 -18.74 32.15
CA TYR C 21 -0.48 -17.43 32.62
C TYR C 21 -1.66 -17.53 33.57
N ASN C 22 -2.56 -18.50 33.31
CA ASN C 22 -3.77 -18.77 34.09
C ASN C 22 -3.46 -19.48 35.41
N LYS C 23 -2.19 -19.86 35.66
CA LYS C 23 -1.83 -20.44 36.96
C LYS C 23 -1.67 -19.33 38.04
N GLN C 24 -1.74 -18.04 37.62
CA GLN C 24 -1.69 -16.89 38.51
C GLN C 24 -2.98 -16.82 39.32
N ARG C 25 -2.88 -16.27 40.56
CA ARG C 25 -3.97 -16.05 41.51
C ARG C 25 -5.14 -15.35 40.79
N MET C 26 -6.33 -15.97 40.85
CA MET C 26 -7.57 -15.51 40.21
C MET C 26 -7.86 -14.03 40.46
N PRO C 27 -8.20 -13.21 39.43
CA PRO C 27 -8.52 -11.80 39.70
C PRO C 27 -9.67 -11.62 40.70
N GLN C 28 -10.72 -12.49 40.61
CA GLN C 28 -11.88 -12.44 41.51
C GLN C 28 -11.51 -12.64 42.97
N GLU C 29 -10.50 -13.49 43.24
CA GLU C 29 -9.99 -13.76 44.59
C GLU C 29 -9.42 -12.46 45.19
N ILE C 30 -8.59 -11.75 44.40
CA ILE C 30 -7.93 -10.51 44.77
C ILE C 30 -8.94 -9.37 45.03
N THR C 31 -9.86 -9.16 44.07
CA THR C 31 -10.87 -8.11 44.15
C THR C 31 -11.87 -8.33 45.29
N ASN C 32 -12.34 -9.60 45.54
CA ASN C 32 -13.29 -9.93 46.62
C ASN C 32 -12.71 -9.47 47.95
N LYS C 33 -11.44 -9.82 48.22
CA LYS C 33 -10.72 -9.46 49.44
C LYS C 33 -10.75 -7.92 49.68
N ILE C 34 -10.45 -7.13 48.63
CA ILE C 34 -10.44 -5.67 48.67
C ILE C 34 -11.86 -5.08 48.83
N LEU C 35 -12.85 -5.67 48.12
CA LEU C 35 -14.24 -5.21 48.18
C LEU C 35 -15.00 -5.63 49.46
N LYS C 36 -14.50 -6.67 50.18
CA LYS C 36 -15.15 -7.21 51.39
C LYS C 36 -15.20 -6.20 52.55
N GLU C 37 -14.02 -5.67 52.94
CA GLU C 37 -13.92 -4.70 54.03
C GLU C 37 -12.70 -3.79 53.86
N ALA C 38 -12.83 -2.52 54.29
CA ALA C 38 -11.75 -1.54 54.21
C ALA C 38 -10.78 -1.77 55.35
N PHE C 39 -9.50 -1.93 55.00
CA PHE C 39 -8.38 -2.17 55.90
C PHE C 39 -7.58 -0.90 56.06
N SER C 40 -6.80 -0.79 57.14
CA SER C 40 -5.94 0.36 57.40
C SER C 40 -4.72 0.28 56.49
N ALA C 41 -3.88 1.35 56.46
CA ALA C 41 -2.67 1.39 55.64
C ALA C 41 -1.70 0.25 55.97
N GLU C 42 -1.58 -0.10 57.29
CA GLU C 42 -0.72 -1.17 57.81
C GLU C 42 -1.09 -2.54 57.27
N GLU C 43 -2.40 -2.90 57.32
CA GLU C 43 -2.93 -4.17 56.79
C GLU C 43 -2.78 -4.26 55.28
N ASN C 44 -3.13 -3.17 54.56
CA ASN C 44 -3.02 -3.12 53.10
C ASN C 44 -1.58 -3.31 52.64
N PHE C 45 -0.59 -2.82 53.41
CA PHE C 45 0.82 -2.98 53.06
C PHE C 45 1.22 -4.47 53.12
N LEU C 46 0.77 -5.16 54.17
CA LEU C 46 0.97 -6.59 54.44
C LEU C 46 0.33 -7.43 53.32
N ILE C 47 -0.84 -6.97 52.81
CA ILE C 47 -1.58 -7.59 51.72
C ILE C 47 -0.77 -7.42 50.45
N LEU C 48 -0.30 -6.19 50.17
CA LEU C 48 0.53 -5.94 48.99
C LEU C 48 1.75 -6.84 48.96
N THR C 49 2.51 -6.93 50.07
CA THR C 49 3.73 -7.76 50.15
C THR C 49 3.42 -9.24 49.99
N GLU C 50 2.28 -9.71 50.51
CA GLU C 50 1.90 -11.12 50.35
C GLU C 50 1.51 -11.41 48.86
N MET C 51 0.72 -10.50 48.25
CA MET C 51 0.30 -10.56 46.85
C MET C 51 1.50 -10.55 45.92
N ALA C 52 2.45 -9.64 46.16
CA ALA C 52 3.66 -9.51 45.35
C ALA C 52 4.56 -10.73 45.44
N THR C 53 4.71 -11.32 46.66
CA THR C 53 5.52 -12.52 46.93
C THR C 53 4.96 -13.68 46.09
N ASN C 54 3.63 -13.91 46.16
CA ASN C 54 2.99 -14.96 45.36
C ASN C 54 3.16 -14.64 43.85
N HIS C 55 3.01 -13.37 43.47
CA HIS C 55 3.16 -12.99 42.07
C HIS C 55 4.53 -13.34 41.47
N VAL C 56 5.65 -13.05 42.18
CA VAL C 56 7.02 -13.34 41.70
C VAL C 56 7.24 -14.83 41.54
N GLN C 57 6.76 -15.60 42.50
CA GLN C 57 6.90 -17.05 42.50
C GLN C 57 6.19 -17.69 41.29
N VAL C 58 4.96 -17.27 40.97
CA VAL C 58 4.22 -17.77 39.79
C VAL C 58 4.86 -17.27 38.46
N LEU C 59 5.37 -16.03 38.47
CA LEU C 59 6.03 -15.40 37.33
C LEU C 59 7.32 -16.12 36.92
N VAL C 60 8.14 -16.57 37.88
CA VAL C 60 9.37 -17.33 37.58
C VAL C 60 8.94 -18.69 36.90
N GLU C 61 7.87 -19.34 37.43
CA GLU C 61 7.37 -20.57 36.83
C GLU C 61 6.87 -20.34 35.39
N PHE C 62 6.16 -19.22 35.15
CA PHE C 62 5.66 -18.88 33.82
C PHE C 62 6.84 -18.60 32.87
N THR C 63 7.86 -17.85 33.36
CA THR C 63 9.07 -17.48 32.62
C THR C 63 9.84 -18.70 32.14
N LYS C 64 10.14 -19.66 33.04
CA LYS C 64 10.83 -20.94 32.74
C LYS C 64 10.17 -21.75 31.61
N LYS C 65 8.84 -21.57 31.41
CA LYS C 65 8.08 -22.26 30.37
C LYS C 65 8.05 -21.45 29.04
N LEU C 66 8.61 -20.22 29.01
CA LEU C 66 8.65 -19.43 27.78
C LEU C 66 9.61 -20.11 26.81
N PRO C 67 9.17 -20.37 25.56
CA PRO C 67 10.06 -21.08 24.61
C PRO C 67 11.43 -20.46 24.44
N GLY C 68 12.45 -21.29 24.64
CA GLY C 68 13.86 -20.94 24.55
C GLY C 68 14.48 -20.32 25.79
N PHE C 69 13.67 -19.84 26.75
CA PHE C 69 14.18 -19.18 27.96
C PHE C 69 15.30 -19.98 28.64
N GLN C 70 15.08 -21.30 28.79
CA GLN C 70 16.03 -22.22 29.43
C GLN C 70 17.35 -22.39 28.64
N THR C 71 17.38 -21.98 27.34
CA THR C 71 18.58 -22.05 26.48
C THR C 71 19.50 -20.81 26.59
N LEU C 72 19.03 -19.70 27.18
CA LEU C 72 19.84 -18.50 27.40
C LEU C 72 20.90 -18.72 28.50
N ASP C 73 21.95 -17.87 28.54
CA ASP C 73 22.98 -17.85 29.58
C ASP C 73 22.30 -17.65 30.95
N HIS C 74 22.77 -18.37 32.01
CA HIS C 74 22.18 -18.32 33.36
C HIS C 74 22.22 -16.94 34.03
N GLU C 75 23.22 -16.10 33.73
CA GLU C 75 23.25 -14.75 34.30
C GLU C 75 22.26 -13.81 33.58
N ASP C 76 22.03 -14.03 32.27
CA ASP C 76 21.06 -13.27 31.47
C ASP C 76 19.64 -13.61 31.94
N GLN C 77 19.41 -14.91 32.26
CA GLN C 77 18.14 -15.41 32.81
C GLN C 77 17.76 -14.68 34.12
N ILE C 78 18.71 -14.53 35.07
CA ILE C 78 18.48 -13.81 36.35
C ILE C 78 18.23 -12.31 36.10
N ALA C 79 19.02 -11.69 35.21
CA ALA C 79 18.87 -10.29 34.84
C ALA C 79 17.49 -10.02 34.21
N LEU C 80 16.96 -10.97 33.41
CA LEU C 80 15.63 -10.82 32.81
C LEU C 80 14.53 -10.91 33.87
N LEU C 81 14.69 -11.85 34.82
CA LEU C 81 13.73 -12.03 35.93
C LEU C 81 13.68 -10.82 36.84
N LYS C 82 14.85 -10.36 37.29
CA LYS C 82 14.97 -9.17 38.14
C LYS C 82 14.51 -7.91 37.41
N GLY C 83 14.85 -7.80 36.13
CA GLY C 83 14.45 -6.64 35.34
C GLY C 83 12.96 -6.53 35.02
N SER C 84 12.20 -7.64 35.14
CA SER C 84 10.77 -7.65 34.76
C SER C 84 9.70 -7.81 35.88
N ALA C 85 10.06 -8.32 37.07
CA ALA C 85 9.11 -8.61 38.17
C ALA C 85 8.12 -7.45 38.51
N VAL C 86 8.62 -6.24 38.68
CA VAL C 86 7.83 -5.05 39.02
C VAL C 86 6.90 -4.63 37.86
N GLU C 87 7.42 -4.63 36.62
CA GLU C 87 6.62 -4.27 35.46
C GLU C 87 5.49 -5.27 35.26
N ALA C 88 5.79 -6.56 35.47
CA ALA C 88 4.79 -7.60 35.31
C ALA C 88 3.73 -7.44 36.41
N MET C 89 4.15 -7.03 37.61
CA MET C 89 3.23 -6.76 38.73
C MET C 89 2.25 -5.63 38.38
N PHE C 90 2.76 -4.50 37.86
CA PHE C 90 1.90 -3.38 37.50
C PHE C 90 0.98 -3.73 36.34
N LEU C 91 1.44 -4.57 35.39
CA LEU C 91 0.61 -4.99 34.27
C LEU C 91 -0.53 -5.93 34.72
N ARG C 92 -0.23 -6.90 35.60
CA ARG C 92 -1.18 -7.84 36.14
C ARG C 92 -2.27 -7.09 36.96
N SER C 93 -1.82 -6.09 37.75
CA SER C 93 -2.72 -5.24 38.56
C SER C 93 -3.65 -4.47 37.59
N ALA C 94 -3.10 -3.95 36.45
CA ALA C 94 -3.92 -3.18 35.47
C ALA C 94 -5.03 -4.07 34.90
N GLU C 95 -4.66 -5.34 34.57
CA GLU C 95 -5.59 -6.35 34.05
C GLU C 95 -6.70 -6.62 35.06
N ILE C 96 -6.34 -6.81 36.35
CA ILE C 96 -7.32 -7.06 37.42
C ILE C 96 -8.25 -5.87 37.61
N PHE C 97 -7.70 -4.66 37.62
CA PHE C 97 -8.51 -3.46 37.76
C PHE C 97 -9.54 -3.33 36.63
N ASN C 98 -9.14 -3.69 35.40
CA ASN C 98 -9.96 -3.58 34.19
C ASN C 98 -11.00 -4.71 34.00
N LYS C 99 -10.98 -5.78 34.84
CA LYS C 99 -11.96 -6.87 34.76
C LYS C 99 -13.37 -6.35 35.11
N LYS C 100 -14.35 -6.65 34.23
CA LYS C 100 -15.76 -6.25 34.35
C LYS C 100 -16.40 -6.86 35.60
N LEU C 101 -16.84 -5.99 36.52
CA LEU C 101 -17.46 -6.35 37.79
C LEU C 101 -18.92 -5.87 37.80
N PRO C 102 -19.81 -6.38 38.71
CA PRO C 102 -21.19 -5.83 38.77
C PRO C 102 -21.18 -4.31 38.98
N SER C 103 -22.28 -3.63 38.60
CA SER C 103 -22.40 -2.17 38.68
C SER C 103 -21.89 -1.56 40.00
N GLY C 104 -21.04 -0.53 39.88
CA GLY C 104 -20.47 0.21 41.01
C GLY C 104 -19.27 -0.40 41.73
N HIS C 105 -18.99 -1.71 41.51
CA HIS C 105 -17.89 -2.41 42.19
C HIS C 105 -16.52 -1.91 41.76
N SER C 106 -16.36 -1.55 40.47
CA SER C 106 -15.11 -0.98 39.92
C SER C 106 -14.80 0.39 40.54
N ASP C 107 -15.85 1.19 40.84
CA ASP C 107 -15.76 2.49 41.53
C ASP C 107 -15.31 2.27 42.98
N LEU C 108 -15.91 1.29 43.69
CA LEU C 108 -15.54 0.94 45.06
C LEU C 108 -14.10 0.42 45.09
N LEU C 109 -13.70 -0.33 44.03
CA LEU C 109 -12.34 -0.88 43.92
C LEU C 109 -11.33 0.27 43.83
N GLU C 110 -11.54 1.21 42.88
CA GLU C 110 -10.71 2.40 42.69
C GLU C 110 -10.62 3.21 43.98
N ALA C 111 -11.76 3.40 44.69
CA ALA C 111 -11.82 4.14 45.95
C ALA C 111 -11.01 3.46 47.07
N ARG C 112 -11.14 2.12 47.22
CA ARG C 112 -10.37 1.30 48.18
C ARG C 112 -8.88 1.35 47.87
N ILE C 113 -8.49 1.47 46.58
CA ILE C 113 -7.08 1.56 46.21
C ILE C 113 -6.52 2.97 46.52
N ARG C 114 -7.24 4.05 46.16
CA ARG C 114 -6.82 5.43 46.42
C ARG C 114 -6.70 5.68 47.92
N ASN C 115 -7.41 4.85 48.71
CA ASN C 115 -7.47 4.93 50.17
C ASN C 115 -6.57 3.98 50.91
N SER C 116 -5.94 3.07 50.20
CA SER C 116 -5.14 1.99 50.76
C SER C 116 -3.93 2.41 51.61
N GLY C 117 -3.32 3.56 51.29
CA GLY C 117 -2.15 4.05 51.99
C GLY C 117 -0.98 4.39 51.08
N ILE C 118 -1.18 4.30 49.74
CA ILE C 118 -0.20 4.72 48.72
C ILE C 118 -0.29 6.26 48.72
N SER C 119 0.85 6.96 48.59
CA SER C 119 0.80 8.43 48.56
C SER C 119 0.24 8.91 47.20
N ASP C 120 -0.39 10.10 47.21
CA ASP C 120 -1.03 10.76 46.06
C ASP C 120 -0.13 10.84 44.81
N GLU C 121 1.16 11.13 45.04
CA GLU C 121 2.24 11.23 44.06
C GLU C 121 2.29 10.00 43.15
N TYR C 122 2.00 8.82 43.68
CA TYR C 122 2.07 7.59 42.90
C TYR C 122 0.70 7.07 42.44
N ILE C 123 -0.41 7.42 43.16
CA ILE C 123 -1.78 7.00 42.79
C ILE C 123 -2.21 7.53 41.40
N THR C 124 -2.03 8.84 41.12
CA THR C 124 -2.50 9.41 39.85
C THR C 124 -1.80 8.76 38.61
N PRO C 125 -0.45 8.58 38.51
CA PRO C 125 0.08 7.89 37.31
C PRO C 125 -0.30 6.39 37.22
N MET C 126 -0.50 5.72 38.38
CA MET C 126 -0.93 4.31 38.46
C MET C 126 -2.31 4.22 37.79
N PHE C 127 -3.28 5.07 38.22
CA PHE C 127 -4.63 5.09 37.67
C PHE C 127 -4.71 5.60 36.25
N SER C 128 -3.81 6.52 35.88
CA SER C 128 -3.66 7.02 34.50
C SER C 128 -3.35 5.80 33.61
N PHE C 129 -2.43 4.93 34.07
CA PHE C 129 -2.02 3.71 33.38
C PHE C 129 -3.18 2.67 33.29
N TYR C 130 -3.81 2.35 34.45
CA TYR C 130 -4.95 1.39 34.53
C TYR C 130 -6.09 1.76 33.59
N LYS C 131 -6.47 3.06 33.54
CA LYS C 131 -7.56 3.54 32.68
C LYS C 131 -7.21 3.49 31.20
N SER C 132 -5.98 3.87 30.84
CA SER C 132 -5.54 3.84 29.45
C SER C 132 -5.36 2.41 28.91
N ILE C 133 -4.97 1.46 29.79
CA ILE C 133 -4.82 0.03 29.49
C ILE C 133 -6.21 -0.52 29.20
N GLY C 134 -7.20 -0.10 29.99
CA GLY C 134 -8.60 -0.52 29.86
C GLY C 134 -9.27 -0.05 28.58
N GLU C 135 -8.82 1.11 28.07
CA GLU C 135 -9.33 1.69 26.83
C GLU C 135 -8.91 0.84 25.62
N LEU C 136 -7.76 0.12 25.72
CA LEU C 136 -7.25 -0.80 24.70
C LEU C 136 -8.18 -2.03 24.49
N LYS C 137 -8.98 -2.36 25.53
CA LYS C 137 -9.95 -3.48 25.56
C LYS C 137 -9.25 -4.82 25.25
N MET C 138 -8.08 -5.02 25.86
CA MET C 138 -7.26 -6.22 25.66
C MET C 138 -7.96 -7.49 26.10
N THR C 139 -7.66 -8.59 25.40
CA THR C 139 -8.16 -9.93 25.70
C THR C 139 -7.18 -10.56 26.70
N GLN C 140 -7.52 -11.72 27.27
CA GLN C 140 -6.64 -12.42 28.20
C GLN C 140 -5.30 -12.74 27.50
N GLU C 141 -5.41 -13.30 26.26
CA GLU C 141 -4.30 -13.68 25.39
C GLU C 141 -3.36 -12.54 25.16
N GLU C 142 -3.89 -11.32 24.97
CA GLU C 142 -3.10 -10.11 24.80
C GLU C 142 -2.35 -9.75 26.07
N TYR C 143 -2.93 -10.00 27.27
CA TYR C 143 -2.24 -9.69 28.51
C TYR C 143 -1.08 -10.64 28.72
N ALA C 144 -1.33 -11.94 28.52
CA ALA C 144 -0.31 -13.00 28.64
C ALA C 144 0.89 -12.80 27.70
N LEU C 145 0.63 -12.47 26.43
CA LEU C 145 1.71 -12.23 25.47
C LEU C 145 2.47 -10.96 25.81
N LEU C 146 1.76 -9.88 26.21
CA LEU C 146 2.44 -8.64 26.57
C LEU C 146 3.39 -8.88 27.75
N THR C 147 2.96 -9.71 28.71
CA THR C 147 3.77 -10.10 29.86
C THR C 147 5.03 -10.89 29.43
N ALA C 148 4.87 -11.87 28.53
CA ALA C 148 5.97 -12.66 27.99
C ALA C 148 6.97 -11.73 27.27
N ILE C 149 6.44 -10.75 26.48
CA ILE C 149 7.22 -9.76 25.75
C ILE C 149 8.00 -8.84 26.70
N VAL C 150 7.36 -8.43 27.82
CA VAL C 150 7.96 -7.59 28.88
C VAL C 150 9.15 -8.35 29.50
N ILE C 151 8.95 -9.64 29.83
CA ILE C 151 9.99 -10.49 30.40
C ILE C 151 11.17 -10.68 29.45
N LEU C 152 10.89 -10.95 28.18
CA LEU C 152 11.96 -11.19 27.22
C LEU C 152 12.35 -9.91 26.52
N SER C 153 12.77 -8.90 27.28
CA SER C 153 13.16 -7.59 26.74
C SER C 153 14.65 -7.63 26.52
N PRO C 154 15.13 -7.45 25.28
CA PRO C 154 16.57 -7.55 25.03
C PRO C 154 17.38 -6.44 25.65
N ASP C 155 16.75 -5.29 25.89
CA ASP C 155 17.46 -4.12 26.41
C ASP C 155 17.47 -4.03 27.94
N ARG C 156 17.20 -5.12 28.69
CA ARG C 156 17.31 -5.07 30.16
C ARG C 156 18.78 -4.87 30.54
N GLN C 157 19.03 -4.19 31.64
CA GLN C 157 20.38 -3.97 32.14
C GLN C 157 21.02 -5.29 32.55
N TYR C 158 22.33 -5.45 32.28
CA TYR C 158 23.23 -6.58 32.57
C TYR C 158 23.08 -7.78 31.61
N ILE C 159 22.25 -7.66 30.57
CA ILE C 159 22.12 -8.68 29.52
C ILE C 159 23.39 -8.55 28.66
N LYS C 160 24.18 -9.64 28.57
CA LYS C 160 25.41 -9.66 27.77
C LYS C 160 25.10 -10.06 26.34
N ASP C 161 24.13 -11.00 26.14
CA ASP C 161 23.74 -11.47 24.81
C ASP C 161 22.33 -10.97 24.43
N ARG C 162 22.27 -9.74 23.92
CA ARG C 162 21.04 -9.05 23.49
C ARG C 162 20.32 -9.78 22.33
N GLU C 163 21.07 -10.23 21.30
CA GLU C 163 20.52 -10.88 20.11
C GLU C 163 19.87 -12.22 20.41
N ALA C 164 20.37 -12.94 21.44
CA ALA C 164 19.75 -14.20 21.85
C ALA C 164 18.37 -13.89 22.46
N VAL C 165 18.23 -12.78 23.24
CA VAL C 165 16.94 -12.40 23.83
C VAL C 165 15.95 -11.93 22.73
N GLU C 166 16.42 -11.14 21.75
CA GLU C 166 15.62 -10.67 20.59
C GLU C 166 14.99 -11.82 19.80
N LYS C 167 15.76 -12.90 19.56
CA LYS C 167 15.27 -14.08 18.83
C LYS C 167 14.05 -14.73 19.50
N LEU C 168 13.99 -14.68 20.83
CA LEU C 168 12.91 -15.25 21.60
C LEU C 168 11.70 -14.33 21.63
N GLN C 169 11.93 -13.01 21.65
CA GLN C 169 10.89 -11.99 21.68
C GLN C 169 10.18 -11.79 20.34
N GLU C 170 10.93 -11.80 19.22
CA GLU C 170 10.41 -11.63 17.86
C GLU C 170 9.14 -12.45 17.56
N PRO C 171 9.08 -13.82 17.69
CA PRO C 171 7.82 -14.53 17.40
C PRO C 171 6.67 -14.25 18.37
N LEU C 172 6.94 -13.76 19.60
CA LEU C 172 5.85 -13.41 20.53
C LEU C 172 5.29 -12.09 20.06
N LEU C 173 6.17 -11.18 19.61
CA LEU C 173 5.77 -9.90 19.03
C LEU C 173 4.94 -10.11 17.77
N ASP C 174 5.32 -11.11 16.93
CA ASP C 174 4.60 -11.48 15.72
C ASP C 174 3.19 -11.99 16.01
N VAL C 175 3.04 -12.88 16.99
CA VAL C 175 1.73 -13.37 17.43
C VAL C 175 0.87 -12.21 17.95
N LEU C 176 1.45 -11.33 18.80
CA LEU C 176 0.70 -10.22 19.39
C LEU C 176 0.14 -9.27 18.35
N GLN C 177 0.94 -8.94 17.33
CA GLN C 177 0.59 -8.09 16.21
C GLN C 177 -0.60 -8.69 15.44
N LYS C 178 -0.65 -10.03 15.28
CA LYS C 178 -1.75 -10.75 14.63
C LYS C 178 -3.00 -10.63 15.51
N LEU C 179 -2.87 -10.87 16.84
CA LEU C 179 -3.98 -10.75 17.78
C LEU C 179 -4.64 -9.36 17.72
N CYS C 180 -3.81 -8.29 17.55
CA CYS C 180 -4.27 -6.89 17.42
C CYS C 180 -5.05 -6.64 16.12
N LYS C 181 -4.66 -7.29 15.03
CA LYS C 181 -5.37 -7.16 13.74
C LYS C 181 -6.71 -7.94 13.78
N ILE C 182 -6.76 -9.04 14.55
CA ILE C 182 -7.91 -9.93 14.74
C ILE C 182 -8.95 -9.39 15.76
N HIS C 183 -8.51 -8.96 16.95
CA HIS C 183 -9.42 -8.53 17.99
C HIS C 183 -9.83 -7.07 17.90
N GLN C 184 -8.98 -6.20 17.34
CA GLN C 184 -9.26 -4.76 17.22
C GLN C 184 -8.99 -4.27 15.75
N PRO C 185 -9.71 -4.83 14.74
CA PRO C 185 -9.46 -4.42 13.33
C PRO C 185 -9.76 -2.97 12.97
N GLU C 186 -10.60 -2.29 13.78
CA GLU C 186 -11.01 -0.89 13.62
C GLU C 186 -9.96 0.12 14.11
N ASN C 187 -9.03 -0.31 14.97
CA ASN C 187 -7.95 0.51 15.52
C ASN C 187 -6.62 -0.01 14.90
N PRO C 188 -6.19 0.56 13.75
CA PRO C 188 -4.96 0.03 13.08
C PRO C 188 -3.65 0.29 13.83
N GLN C 189 -3.69 1.17 14.86
CA GLN C 189 -2.54 1.52 15.69
C GLN C 189 -2.62 0.87 17.10
N HIS C 190 -3.43 -0.21 17.26
CA HIS C 190 -3.61 -0.90 18.55
C HIS C 190 -2.31 -1.58 19.03
N PHE C 191 -1.56 -2.22 18.10
CA PHE C 191 -0.30 -2.89 18.41
C PHE C 191 0.73 -1.87 18.91
N ALA C 192 0.90 -0.77 18.14
CA ALA C 192 1.76 0.37 18.46
C ALA C 192 1.44 0.88 19.83
N CYS C 193 0.14 1.09 20.12
CA CYS C 193 -0.33 1.55 21.43
C CYS C 193 0.05 0.59 22.58
N LEU C 194 0.02 -0.77 22.35
CA LEU C 194 0.43 -1.76 23.36
C LEU C 194 1.93 -1.67 23.68
N LEU C 195 2.79 -1.61 22.64
CA LEU C 195 4.23 -1.47 22.76
C LEU C 195 4.62 -0.16 23.45
N GLY C 196 3.84 0.90 23.23
CA GLY C 196 4.03 2.20 23.85
C GLY C 196 3.88 2.10 25.35
N ARG C 197 2.95 1.23 25.80
CA ARG C 197 2.64 0.96 27.22
C ARG C 197 3.80 0.27 27.95
N LEU C 198 4.81 -0.26 27.22
CA LEU C 198 6.01 -0.87 27.81
C LEU C 198 6.89 0.23 28.39
N THR C 199 6.96 1.40 27.69
CA THR C 199 7.74 2.57 28.11
C THR C 199 7.10 3.12 29.37
N GLU C 200 5.76 3.20 29.40
CA GLU C 200 5.07 3.66 30.61
C GLU C 200 5.31 2.69 31.77
N LEU C 201 5.44 1.36 31.51
CA LEU C 201 5.76 0.39 32.56
C LEU C 201 7.13 0.63 33.17
N ARG C 202 8.15 0.93 32.35
CA ARG C 202 9.52 1.17 32.82
C ARG C 202 9.66 2.38 33.77
N THR C 203 8.85 3.42 33.58
CA THR C 203 8.86 4.61 34.44
C THR C 203 8.49 4.22 35.87
N PHE C 204 7.49 3.31 36.01
CA PHE C 204 7.03 2.75 37.29
C PHE C 204 8.12 1.99 37.99
N ASN C 205 8.90 1.19 37.24
CA ASN C 205 10.02 0.42 37.75
C ASN C 205 11.07 1.37 38.35
N HIS C 206 11.37 2.46 37.64
CA HIS C 206 12.34 3.48 38.07
C HIS C 206 12.01 4.07 39.45
N HIS C 207 10.74 4.46 39.68
CA HIS C 207 10.28 5.07 40.94
C HIS C 207 9.74 4.09 42.01
N HIS C 208 9.76 2.78 41.75
CA HIS C 208 9.22 1.77 42.66
C HIS C 208 9.77 1.79 44.06
N ALA C 209 11.10 1.90 44.25
CA ALA C 209 11.71 1.93 45.59
C ALA C 209 11.18 3.10 46.43
N GLU C 210 11.01 4.28 45.81
CA GLU C 210 10.49 5.49 46.44
C GLU C 210 9.00 5.33 46.71
N MET C 211 8.26 4.68 45.78
CA MET C 211 6.83 4.40 45.90
C MET C 211 6.61 3.54 47.14
N LEU C 212 7.44 2.49 47.30
CA LEU C 212 7.39 1.60 48.46
C LEU C 212 7.56 2.36 49.74
N MET C 213 8.57 3.26 49.83
CA MET C 213 8.80 4.06 51.04
C MET C 213 7.74 5.15 51.26
N SER C 214 6.98 5.53 50.20
CA SER C 214 5.90 6.53 50.23
C SER C 214 4.65 6.01 50.97
N TRP C 215 4.52 4.68 51.12
CA TRP C 215 3.40 4.07 51.84
C TRP C 215 3.31 4.62 53.25
N ARG C 216 2.11 5.11 53.65
CA ARG C 216 1.87 5.71 54.97
C ARG C 216 1.86 4.64 56.08
N VAL C 217 3.04 4.02 56.33
CA VAL C 217 3.23 2.91 57.30
C VAL C 217 4.48 3.15 58.14
N ASN C 218 4.51 2.60 59.38
CA ASN C 218 5.63 2.77 60.33
C ASN C 218 6.92 2.09 59.87
N ASP C 219 6.86 0.77 59.62
CA ASP C 219 8.04 0.04 59.16
C ASP C 219 7.81 -0.58 57.80
N HIS C 220 8.71 -0.24 56.88
CA HIS C 220 8.68 -0.79 55.54
C HIS C 220 9.54 -2.03 55.63
N LYS C 221 8.88 -3.10 56.12
CA LYS C 221 9.46 -4.43 56.31
C LYS C 221 9.15 -5.30 55.09
N PHE C 222 10.20 -5.89 54.53
CA PHE C 222 10.10 -6.76 53.37
C PHE C 222 10.81 -8.08 53.63
N THR C 223 10.22 -9.16 53.12
CA THR C 223 10.75 -10.53 53.19
C THR C 223 12.04 -10.59 52.33
N PRO C 224 13.01 -11.52 52.63
CA PRO C 224 14.23 -11.62 51.79
C PRO C 224 13.99 -11.76 50.27
N LEU C 225 12.91 -12.47 49.86
CA LEU C 225 12.59 -12.60 48.42
C LEU C 225 12.22 -11.24 47.79
N LEU C 226 11.50 -10.38 48.53
CA LEU C 226 11.13 -9.08 48.00
C LEU C 226 12.31 -8.10 47.97
N CYS C 227 13.23 -8.19 48.95
CA CYS C 227 14.43 -7.35 49.05
C CYS C 227 15.34 -7.56 47.82
N GLU C 228 15.39 -8.79 47.30
CA GLU C 228 16.16 -9.17 46.12
C GLU C 228 15.55 -8.64 44.82
N ILE C 229 14.21 -8.66 44.69
CA ILE C 229 13.57 -8.25 43.44
C ILE C 229 13.19 -6.77 43.44
N TRP C 230 13.07 -6.14 44.62
CA TRP C 230 12.69 -4.74 44.75
C TRP C 230 13.82 -3.76 45.08
N ASP C 231 15.02 -4.25 45.51
CA ASP C 231 16.19 -3.46 45.95
C ASP C 231 15.88 -2.53 47.12
N HIS D 3 21.37 -12.45 44.43
CA HIS D 3 20.13 -12.94 43.81
C HIS D 3 19.95 -14.48 44.01
N GLN D 4 20.50 -15.02 45.14
CA GLN D 4 20.43 -16.45 45.46
C GLN D 4 19.01 -17.02 45.50
N LEU D 5 18.04 -16.25 46.00
CA LEU D 5 16.66 -16.70 46.04
C LEU D 5 16.05 -16.81 44.64
N LEU D 6 16.38 -15.84 43.72
CA LEU D 6 15.93 -15.85 42.32
C LEU D 6 16.57 -17.02 41.58
N ARG D 7 17.88 -17.23 41.79
CA ARG D 7 18.64 -18.34 41.24
C ARG D 7 18.03 -19.67 41.69
N TYR D 8 17.67 -19.77 43.00
CA TYR D 8 17.07 -20.97 43.53
C TYR D 8 15.79 -21.27 42.82
N LEU D 9 14.94 -20.23 42.65
CA LEU D 9 13.66 -20.40 41.98
C LEU D 9 13.84 -20.79 40.51
N LEU D 10 14.89 -20.27 39.88
CA LEU D 10 15.21 -20.56 38.47
C LEU D 10 15.70 -21.99 38.25
N ASP D 11 16.58 -22.49 39.13
CA ASP D 11 17.19 -23.82 38.99
C ASP D 11 16.43 -24.94 39.73
N LYS D 12 15.17 -24.66 40.07
CA LYS D 12 14.16 -25.49 40.73
C LYS D 12 14.58 -25.82 42.16
N MET E 4 -3.41 18.11 34.71
CA MET E 4 -2.33 19.02 35.07
C MET E 4 -1.78 19.77 33.85
N GLU E 5 -1.74 21.12 33.92
CA GLU E 5 -1.17 21.98 32.88
C GLU E 5 0.35 22.05 33.10
N LEU E 6 1.13 22.58 32.11
CA LEU E 6 2.58 22.69 32.28
C LEU E 6 2.97 23.67 33.39
N THR E 7 3.92 23.28 34.23
CA THR E 7 4.43 24.14 35.29
C THR E 7 5.40 25.16 34.64
N PRO E 8 5.64 26.35 35.22
CA PRO E 8 6.59 27.31 34.60
C PRO E 8 7.95 26.73 34.16
N ASP E 9 8.51 25.77 34.94
CA ASP E 9 9.78 25.08 34.62
C ASP E 9 9.62 24.21 33.36
N GLN E 10 8.46 23.53 33.22
CA GLN E 10 8.15 22.71 32.06
C GLN E 10 7.95 23.60 30.83
N GLN E 11 7.34 24.77 30.98
CA GLN E 11 7.19 25.72 29.88
C GLN E 11 8.60 26.24 29.48
N THR E 12 9.47 26.51 30.48
CA THR E 12 10.85 26.94 30.25
C THR E 12 11.62 25.90 29.40
N LEU E 13 11.62 24.65 29.86
CA LEU E 13 12.28 23.53 29.19
C LEU E 13 11.72 23.33 27.77
N LEU E 14 10.39 23.42 27.60
CA LEU E 14 9.75 23.23 26.31
C LEU E 14 10.19 24.26 25.26
N HIS E 15 10.08 25.55 25.60
CA HIS E 15 10.44 26.66 24.72
C HIS E 15 11.94 26.58 24.33
N PHE E 16 12.81 26.16 25.28
CA PHE E 16 14.23 25.98 25.06
C PHE E 16 14.53 24.77 24.12
N ILE E 17 13.84 23.62 24.32
CA ILE E 17 14.00 22.45 23.42
C ILE E 17 13.56 22.86 21.99
N MET E 18 12.41 23.55 21.88
CA MET E 18 11.82 24.00 20.63
C MET E 18 12.78 24.89 19.85
N ASP E 19 13.43 25.84 20.54
CA ASP E 19 14.41 26.72 19.90
C ASP E 19 15.59 25.95 19.34
N SER E 20 16.16 25.02 20.14
CA SER E 20 17.29 24.21 19.67
C SER E 20 16.93 23.34 18.47
N TYR E 21 15.75 22.72 18.49
CA TYR E 21 15.23 21.88 17.41
C TYR E 21 15.05 22.64 16.11
N ASN E 22 14.56 23.89 16.18
CA ASN E 22 14.32 24.76 15.02
C ASN E 22 15.62 25.21 14.33
N LYS E 23 16.78 24.86 14.90
CA LYS E 23 18.07 25.15 14.27
C LYS E 23 18.40 24.15 13.12
N GLN E 24 17.58 23.08 12.95
CA GLN E 24 17.73 22.11 11.88
C GLN E 24 17.43 22.74 10.48
N ARG E 25 17.87 22.07 9.38
CA ARG E 25 17.63 22.53 8.00
C ARG E 25 16.10 22.55 7.77
N MET E 26 15.58 23.62 7.18
CA MET E 26 14.15 23.82 6.94
C MET E 26 13.53 22.72 6.05
N PRO E 27 12.35 22.17 6.39
CA PRO E 27 11.71 21.17 5.52
C PRO E 27 11.61 21.58 4.04
N GLN E 28 11.24 22.86 3.77
CA GLN E 28 11.06 23.44 2.42
C GLN E 28 12.37 23.39 1.58
N GLU E 29 13.54 23.61 2.22
CA GLU E 29 14.85 23.54 1.54
C GLU E 29 15.03 22.16 0.90
N ILE E 30 14.68 21.10 1.67
CA ILE E 30 14.79 19.70 1.31
C ILE E 30 13.73 19.30 0.25
N THR E 31 12.46 19.67 0.45
CA THR E 31 11.40 19.32 -0.51
C THR E 31 11.45 20.13 -1.80
N ASN E 32 11.96 21.37 -1.78
CA ASN E 32 12.05 22.15 -3.03
C ASN E 32 13.06 21.54 -3.97
N LYS E 33 14.17 21.02 -3.43
CA LYS E 33 15.22 20.36 -4.21
C LYS E 33 14.65 19.13 -4.92
N ILE E 34 14.03 18.23 -4.14
CA ILE E 34 13.43 16.97 -4.59
C ILE E 34 12.28 17.22 -5.59
N LEU E 35 11.42 18.22 -5.33
CA LEU E 35 10.31 18.50 -6.23
C LEU E 35 10.70 19.24 -7.53
N LYS E 36 11.81 20.01 -7.49
CA LYS E 36 12.33 20.82 -8.59
C LYS E 36 12.57 20.03 -9.86
N GLU E 37 13.31 18.91 -9.74
CA GLU E 37 13.68 18.05 -10.88
C GLU E 37 13.99 16.62 -10.43
N ALA E 38 13.88 15.68 -11.38
CA ALA E 38 14.21 14.27 -11.19
C ALA E 38 15.72 14.12 -11.27
N PHE E 39 16.29 13.33 -10.37
CA PHE E 39 17.71 13.04 -10.33
C PHE E 39 17.91 11.56 -10.48
N SER E 40 19.08 11.16 -10.99
CA SER E 40 19.45 9.76 -11.09
C SER E 40 19.64 9.17 -9.67
N ALA E 41 19.71 7.83 -9.57
CA ALA E 41 19.93 7.14 -8.31
C ALA E 41 21.29 7.56 -7.71
N GLU E 42 22.33 7.75 -8.55
CA GLU E 42 23.67 8.20 -8.12
C GLU E 42 23.60 9.59 -7.48
N GLU E 43 22.88 10.54 -8.11
CA GLU E 43 22.73 11.90 -7.56
C GLU E 43 21.96 11.86 -6.24
N ASN E 44 20.88 11.05 -6.18
CA ASN E 44 20.08 10.92 -4.95
C ASN E 44 20.87 10.37 -3.78
N PHE E 45 21.82 9.47 -4.03
CA PHE E 45 22.63 8.91 -2.95
C PHE E 45 23.54 9.99 -2.35
N LEU E 46 24.13 10.84 -3.21
CA LEU E 46 24.98 11.99 -2.83
C LEU E 46 24.15 12.97 -2.02
N ILE E 47 22.91 13.25 -2.46
CA ILE E 47 22.00 14.16 -1.75
C ILE E 47 21.71 13.61 -0.37
N LEU E 48 21.40 12.30 -0.28
CA LEU E 48 21.16 11.63 1.02
C LEU E 48 22.34 11.77 1.96
N THR E 49 23.56 11.47 1.49
CA THR E 49 24.75 11.53 2.36
C THR E 49 25.06 12.94 2.82
N GLU E 50 24.93 13.94 1.93
CA GLU E 50 25.13 15.37 2.30
C GLU E 50 24.00 15.79 3.32
N MET E 51 22.75 15.38 3.09
CA MET E 51 21.65 15.71 4.02
C MET E 51 21.86 15.07 5.38
N ALA E 52 22.28 13.81 5.41
CA ALA E 52 22.50 13.07 6.65
C ALA E 52 23.71 13.55 7.43
N THR E 53 24.74 14.03 6.74
CA THR E 53 25.96 14.50 7.39
C THR E 53 25.58 15.78 8.15
N ASN E 54 24.87 16.68 7.49
CA ASN E 54 24.37 17.92 8.09
C ASN E 54 23.41 17.61 9.26
N HIS E 55 22.53 16.62 9.07
CA HIS E 55 21.57 16.23 10.10
C HIS E 55 22.28 15.78 11.37
N VAL E 56 23.35 14.95 11.24
CA VAL E 56 24.13 14.45 12.36
C VAL E 56 24.87 15.59 13.09
N GLN E 57 25.52 16.49 12.35
CA GLN E 57 26.24 17.59 12.93
C GLN E 57 25.27 18.47 13.77
N VAL E 58 24.06 18.73 13.25
CA VAL E 58 23.06 19.51 13.95
C VAL E 58 22.45 18.72 15.14
N LEU E 59 22.33 17.40 15.01
CA LEU E 59 21.83 16.53 16.08
C LEU E 59 22.76 16.58 17.29
N VAL E 60 24.09 16.60 17.06
CA VAL E 60 25.10 16.70 18.13
C VAL E 60 24.89 18.03 18.88
N GLU E 61 24.73 19.16 18.14
CA GLU E 61 24.51 20.49 18.74
C GLU E 61 23.23 20.52 19.60
N PHE E 62 22.12 19.94 19.08
CA PHE E 62 20.85 19.83 19.80
C PHE E 62 21.04 18.93 21.06
N THR E 63 21.73 17.80 20.88
CA THR E 63 21.97 16.86 21.97
C THR E 63 22.72 17.50 23.14
N LYS E 64 23.76 18.28 22.85
CA LYS E 64 24.58 18.94 23.87
C LYS E 64 23.83 19.98 24.70
N LYS E 65 22.72 20.52 24.19
CA LYS E 65 21.90 21.52 24.87
C LYS E 65 20.82 20.88 25.74
N LEU E 66 20.57 19.57 25.58
CA LEU E 66 19.57 18.87 26.39
C LEU E 66 20.01 18.97 27.84
N PRO E 67 19.19 19.57 28.73
CA PRO E 67 19.61 19.70 30.14
C PRO E 67 20.12 18.39 30.73
N GLY E 68 21.36 18.41 31.21
CA GLY E 68 22.00 17.26 31.84
C GLY E 68 22.88 16.40 30.97
N PHE E 69 22.72 16.46 29.63
CA PHE E 69 23.54 15.63 28.74
C PHE E 69 25.06 15.79 28.92
N GLN E 70 25.55 17.03 29.10
CA GLN E 70 26.99 17.29 29.27
C GLN E 70 27.55 16.84 30.63
N THR E 71 26.70 16.57 31.65
CA THR E 71 27.15 16.07 32.96
C THR E 71 27.40 14.54 32.90
N LEU E 72 26.79 13.83 31.94
CA LEU E 72 26.93 12.37 31.78
C LEU E 72 28.33 11.94 31.44
N ASP E 73 28.66 10.68 31.75
CA ASP E 73 29.92 9.99 31.42
C ASP E 73 30.16 10.17 29.91
N HIS E 74 31.42 10.45 29.51
CA HIS E 74 31.75 10.72 28.11
C HIS E 74 31.53 9.52 27.19
N GLU E 75 31.74 8.30 27.68
CA GLU E 75 31.49 7.12 26.87
C GLU E 75 30.00 6.88 26.69
N ASP E 76 29.18 7.20 27.71
CA ASP E 76 27.73 7.10 27.63
C ASP E 76 27.20 8.13 26.61
N GLN E 77 27.84 9.33 26.55
CA GLN E 77 27.49 10.37 25.56
C GLN E 77 27.63 9.86 24.10
N ILE E 78 28.76 9.20 23.75
CA ILE E 78 28.96 8.64 22.39
C ILE E 78 27.92 7.56 22.07
N ALA E 79 27.68 6.65 23.02
CA ALA E 79 26.71 5.55 22.89
C ALA E 79 25.25 6.04 22.67
N LEU E 80 24.84 7.10 23.39
CA LEU E 80 23.50 7.69 23.21
C LEU E 80 23.37 8.29 21.80
N LEU E 81 24.42 8.99 21.34
CA LEU E 81 24.42 9.63 20.03
C LEU E 81 24.49 8.66 18.89
N LYS E 82 25.40 7.69 18.97
CA LYS E 82 25.56 6.67 17.95
C LYS E 82 24.32 5.75 17.87
N GLY E 83 23.72 5.44 19.03
CA GLY E 83 22.50 4.62 19.11
C GLY E 83 21.24 5.33 18.62
N SER E 84 21.22 6.68 18.56
CA SER E 84 19.99 7.41 18.17
C SER E 84 20.02 8.13 16.83
N ALA E 85 21.20 8.31 16.23
CA ALA E 85 21.32 9.10 15.00
C ALA E 85 20.39 8.66 13.84
N VAL E 86 20.29 7.33 13.60
CA VAL E 86 19.47 6.76 12.52
C VAL E 86 17.99 6.98 12.84
N GLU E 87 17.59 6.67 14.09
CA GLU E 87 16.21 6.87 14.54
C GLU E 87 15.83 8.33 14.39
N ALA E 88 16.70 9.27 14.79
CA ALA E 88 16.40 10.68 14.67
C ALA E 88 16.30 11.11 13.21
N MET E 89 17.09 10.47 12.30
CA MET E 89 17.06 10.86 10.89
C MET E 89 15.70 10.46 10.26
N PHE E 90 15.20 9.25 10.60
CA PHE E 90 13.92 8.78 10.09
C PHE E 90 12.75 9.57 10.67
N LEU E 91 12.84 9.98 11.95
CA LEU E 91 11.79 10.79 12.56
C LEU E 91 11.72 12.16 11.88
N ARG E 92 12.87 12.77 11.62
CA ARG E 92 12.90 14.07 10.93
C ARG E 92 12.40 13.92 9.47
N SER E 93 12.80 12.84 8.77
CA SER E 93 12.29 12.59 7.42
C SER E 93 10.74 12.43 7.44
N ALA E 94 10.20 11.77 8.47
CA ALA E 94 8.74 11.57 8.62
C ALA E 94 8.07 12.91 8.85
N GLU E 95 8.72 13.78 9.65
CA GLU E 95 8.19 15.12 9.90
C GLU E 95 8.13 15.88 8.59
N ILE E 96 9.20 15.84 7.78
CA ILE E 96 9.23 16.52 6.48
C ILE E 96 8.20 15.96 5.53
N PHE E 97 8.13 14.63 5.37
CA PHE E 97 7.18 14.01 4.46
C PHE E 97 5.75 14.44 4.74
N ASN E 98 5.38 14.60 6.02
CA ASN E 98 4.02 14.90 6.44
C ASN E 98 3.65 16.39 6.60
N LYS E 99 4.54 17.31 6.16
CA LYS E 99 4.28 18.75 6.22
C LYS E 99 3.33 19.07 5.08
N LYS E 100 2.30 19.93 5.32
CA LYS E 100 1.32 20.27 4.30
C LYS E 100 1.97 21.03 3.13
N LEU E 101 1.65 20.61 1.90
CA LEU E 101 2.16 21.23 0.68
C LEU E 101 1.00 21.48 -0.29
N PRO E 102 1.13 22.36 -1.33
CA PRO E 102 0.02 22.54 -2.31
C PRO E 102 -0.43 21.20 -2.93
N SER E 103 -1.73 21.09 -3.27
CA SER E 103 -2.38 19.89 -3.82
C SER E 103 -1.57 19.19 -4.93
N GLY E 104 -1.35 17.89 -4.74
CA GLY E 104 -0.59 17.04 -5.67
C GLY E 104 0.92 17.07 -5.48
N HIS E 105 1.42 17.98 -4.63
CA HIS E 105 2.87 18.13 -4.36
C HIS E 105 3.42 16.99 -3.53
N SER E 106 2.63 16.49 -2.55
CA SER E 106 3.05 15.41 -1.66
C SER E 106 3.01 14.06 -2.36
N ASP E 107 2.12 13.91 -3.40
CA ASP E 107 2.02 12.73 -4.26
C ASP E 107 3.32 12.65 -5.10
N LEU E 108 3.77 13.82 -5.62
CA LEU E 108 5.00 13.94 -6.39
C LEU E 108 6.20 13.66 -5.46
N LEU E 109 6.16 14.13 -4.21
CA LEU E 109 7.22 13.86 -3.23
C LEU E 109 7.34 12.36 -2.99
N GLU E 110 6.21 11.67 -2.79
CA GLU E 110 6.11 10.24 -2.59
C GLU E 110 6.68 9.47 -3.82
N ALA E 111 6.34 9.93 -5.05
CA ALA E 111 6.80 9.35 -6.31
C ALA E 111 8.32 9.54 -6.44
N ARG E 112 8.81 10.77 -6.21
CA ARG E 112 10.24 11.08 -6.23
C ARG E 112 11.05 10.18 -5.30
N ILE E 113 10.60 10.02 -4.03
CA ILE E 113 11.24 9.14 -3.04
C ILE E 113 11.14 7.67 -3.44
N ARG E 114 9.95 7.19 -3.91
CA ARG E 114 9.79 5.80 -4.33
C ARG E 114 10.71 5.44 -5.49
N ASN E 115 11.00 6.41 -6.36
CA ASN E 115 11.83 6.17 -7.53
C ASN E 115 13.25 6.75 -7.37
N SER E 116 13.68 6.99 -6.12
CA SER E 116 14.98 7.59 -5.86
C SER E 116 16.20 6.63 -5.99
N GLY E 117 16.03 5.34 -5.71
CA GLY E 117 17.12 4.37 -5.76
C GLY E 117 17.11 3.41 -4.58
N ILE E 118 16.27 3.70 -3.57
CA ILE E 118 16.07 2.83 -2.41
C ILE E 118 15.50 1.52 -2.96
N SER E 119 15.97 0.36 -2.46
CA SER E 119 15.41 -0.93 -2.88
C SER E 119 13.96 -1.10 -2.35
N ASP E 120 13.16 -1.90 -3.09
CA ASP E 120 11.75 -2.18 -2.85
C ASP E 120 11.45 -2.72 -1.45
N GLU E 121 12.34 -3.58 -0.95
CA GLU E 121 12.31 -4.21 0.38
C GLU E 121 12.27 -3.17 1.52
N TYR E 122 12.95 -2.02 1.34
CA TYR E 122 13.04 -0.98 2.36
C TYR E 122 12.08 0.21 2.17
N ILE E 123 11.48 0.36 0.96
CA ILE E 123 10.49 1.42 0.67
C ILE E 123 9.23 1.18 1.51
N THR E 124 8.73 -0.07 1.53
CA THR E 124 7.52 -0.51 2.21
C THR E 124 7.53 -0.16 3.72
N PRO E 125 8.48 -0.65 4.58
CA PRO E 125 8.46 -0.23 6.00
C PRO E 125 8.68 1.29 6.21
N MET E 126 9.41 1.95 5.29
CA MET E 126 9.67 3.39 5.38
C MET E 126 8.38 4.19 5.19
N PHE E 127 7.59 3.86 4.16
CA PHE E 127 6.34 4.53 3.85
C PHE E 127 5.24 4.19 4.83
N SER E 128 5.29 3.00 5.41
CA SER E 128 4.31 2.60 6.41
C SER E 128 4.57 3.44 7.67
N PHE E 129 5.85 3.66 8.01
CA PHE E 129 6.20 4.48 9.16
C PHE E 129 5.80 5.97 8.92
N TYR E 130 6.13 6.54 7.75
CA TYR E 130 5.75 7.92 7.38
C TYR E 130 4.26 8.14 7.45
N LYS E 131 3.46 7.19 6.93
CA LYS E 131 1.99 7.29 6.93
C LYS E 131 1.39 7.22 8.36
N SER E 132 1.90 6.28 9.19
CA SER E 132 1.48 6.11 10.59
C SER E 132 1.80 7.36 11.42
N ILE E 133 2.97 8.02 11.16
CA ILE E 133 3.34 9.27 11.82
C ILE E 133 2.36 10.38 11.38
N GLY E 134 2.03 10.39 10.09
CA GLY E 134 1.11 11.34 9.49
C GLY E 134 -0.28 11.36 10.10
N GLU E 135 -0.78 10.17 10.47
CA GLU E 135 -2.10 9.95 11.08
C GLU E 135 -2.15 10.55 12.48
N LEU E 136 -1.00 10.57 13.19
CA LEU E 136 -0.89 11.10 14.54
C LEU E 136 -1.08 12.61 14.59
N LYS E 137 -0.89 13.32 13.45
CA LYS E 137 -1.05 14.79 13.31
C LYS E 137 -0.22 15.55 14.37
N MET E 138 1.07 15.20 14.47
CA MET E 138 1.99 15.75 15.45
C MET E 138 2.35 17.21 15.23
N THR E 139 2.46 17.96 16.33
CA THR E 139 2.89 19.36 16.33
C THR E 139 4.41 19.37 16.38
N GLN E 140 5.03 20.52 16.04
CA GLN E 140 6.50 20.70 16.07
C GLN E 140 7.08 20.36 17.46
N GLU E 141 6.33 20.67 18.56
CA GLU E 141 6.73 20.42 19.94
C GLU E 141 6.82 18.94 20.22
N GLU E 142 5.87 18.17 19.66
CA GLU E 142 5.82 16.72 19.78
C GLU E 142 6.97 16.06 19.04
N TYR E 143 7.34 16.57 17.83
CA TYR E 143 8.53 16.07 17.12
C TYR E 143 9.81 16.42 17.91
N ALA E 144 9.91 17.62 18.48
CA ALA E 144 11.11 18.07 19.26
C ALA E 144 11.30 17.23 20.55
N LEU E 145 10.22 17.04 21.32
CA LEU E 145 10.27 16.22 22.54
C LEU E 145 10.51 14.76 22.23
N LEU E 146 9.86 14.20 21.18
CA LEU E 146 10.06 12.80 20.81
C LEU E 146 11.52 12.56 20.37
N THR E 147 12.11 13.52 19.64
CA THR E 147 13.52 13.41 19.26
C THR E 147 14.41 13.42 20.51
N ALA E 148 14.13 14.33 21.45
CA ALA E 148 14.87 14.41 22.71
C ALA E 148 14.76 13.11 23.49
N ILE E 149 13.59 12.49 23.49
CA ILE E 149 13.32 11.22 24.18
C ILE E 149 14.04 10.02 23.53
N VAL E 150 14.09 10.02 22.20
CA VAL E 150 14.78 9.00 21.39
C VAL E 150 16.29 9.05 21.73
N ILE E 151 16.90 10.23 21.75
CA ILE E 151 18.32 10.43 22.09
C ILE E 151 18.65 9.94 23.53
N LEU E 152 17.86 10.36 24.52
CA LEU E 152 18.11 10.04 25.92
C LEU E 152 17.44 8.76 26.32
N SER E 153 17.65 7.69 25.56
CA SER E 153 17.08 6.38 25.90
C SER E 153 18.04 5.69 26.84
N PRO E 154 17.61 5.30 28.07
CA PRO E 154 18.52 4.63 29.01
C PRO E 154 18.87 3.22 28.57
N ASP E 155 17.98 2.61 27.79
CA ASP E 155 18.14 1.25 27.30
C ASP E 155 18.79 1.20 25.91
N ARG E 156 20.01 1.77 25.82
CA ARG E 156 20.84 1.70 24.63
C ARG E 156 22.00 0.74 24.93
N GLN E 157 22.45 0.00 23.90
CA GLN E 157 23.56 -0.93 24.01
C GLN E 157 24.82 -0.13 24.35
N TYR E 158 25.62 -0.67 25.29
CA TYR E 158 26.91 -0.15 25.79
C TYR E 158 26.79 0.97 26.84
N ILE E 159 25.56 1.36 27.26
CA ILE E 159 25.38 2.37 28.32
C ILE E 159 25.80 1.74 29.67
N LYS E 160 26.59 2.47 30.48
CA LYS E 160 27.06 1.99 31.78
C LYS E 160 26.18 2.50 32.92
N ASP E 161 25.85 3.80 32.92
CA ASP E 161 25.04 4.44 33.96
C ASP E 161 23.63 4.79 33.43
N ARG E 162 22.78 3.76 33.44
CA ARG E 162 21.38 3.78 33.00
CA ARG E 162 21.39 3.86 32.95
C ARG E 162 20.51 4.76 33.81
N GLU E 163 20.68 4.75 35.15
CA GLU E 163 19.89 5.60 36.04
C GLU E 163 20.10 7.06 35.78
N ALA E 164 21.35 7.43 35.42
CA ALA E 164 21.72 8.80 35.08
C ALA E 164 20.92 9.25 33.85
N VAL E 165 20.84 8.40 32.82
CA VAL E 165 20.10 8.68 31.59
C VAL E 165 18.57 8.79 31.86
N GLU E 166 18.01 7.90 32.75
CA GLU E 166 16.59 7.86 33.13
C GLU E 166 16.15 9.17 33.77
N LYS E 167 17.03 9.75 34.62
CA LYS E 167 16.79 11.02 35.30
C LYS E 167 16.62 12.19 34.32
N LEU E 168 17.25 12.11 33.13
CA LEU E 168 17.14 13.15 32.11
C LEU E 168 15.96 12.93 31.16
N GLN E 169 15.64 11.65 30.87
CA GLN E 169 14.55 11.29 29.96
C GLN E 169 13.16 11.51 30.59
N GLU E 170 12.96 11.11 31.88
CA GLU E 170 11.67 11.21 32.60
C GLU E 170 11.03 12.60 32.55
N PRO E 171 11.70 13.73 32.87
CA PRO E 171 11.02 15.03 32.75
C PRO E 171 10.62 15.38 31.33
N LEU E 172 11.28 14.79 30.33
CA LEU E 172 10.94 15.01 28.93
C LEU E 172 9.69 14.22 28.59
N LEU E 173 9.58 13.01 29.17
CA LEU E 173 8.37 12.18 29.03
C LEU E 173 7.18 12.86 29.71
N ASP E 174 7.38 13.49 30.89
CA ASP E 174 6.31 14.19 31.62
C ASP E 174 5.76 15.40 30.86
N VAL E 175 6.66 16.21 30.26
CA VAL E 175 6.25 17.35 29.44
C VAL E 175 5.45 16.81 28.24
N LEU E 176 5.99 15.77 27.57
CA LEU E 176 5.32 15.20 26.40
C LEU E 176 3.96 14.69 26.75
N GLN E 177 3.81 13.99 27.90
CA GLN E 177 2.52 13.50 28.36
C GLN E 177 1.51 14.65 28.57
N LYS E 178 1.92 15.73 29.24
CA LYS E 178 1.02 16.88 29.48
C LYS E 178 0.56 17.55 28.20
N LEU E 179 1.49 17.70 27.21
CA LEU E 179 1.21 18.27 25.90
C LEU E 179 0.20 17.47 25.10
N CYS E 180 0.25 16.14 25.20
CA CYS E 180 -0.68 15.27 24.48
C CYS E 180 -2.09 15.40 25.04
N LYS E 181 -2.22 15.61 26.38
CA LYS E 181 -3.50 15.82 27.07
C LYS E 181 -4.11 17.19 26.70
N ILE E 182 -3.26 18.16 26.26
CA ILE E 182 -3.65 19.52 25.87
C ILE E 182 -4.00 19.58 24.38
N HIS E 183 -3.08 19.15 23.47
CA HIS E 183 -3.31 19.20 22.03
C HIS E 183 -4.44 18.27 21.55
N GLN E 184 -4.60 17.09 22.16
CA GLN E 184 -5.62 16.10 21.81
C GLN E 184 -6.32 15.62 23.09
N PRO E 185 -7.17 16.48 23.73
CA PRO E 185 -7.85 16.04 24.97
C PRO E 185 -8.89 14.95 24.76
N GLU E 186 -9.43 14.86 23.52
CA GLU E 186 -10.44 13.88 23.11
C GLU E 186 -9.83 12.48 22.83
N ASN E 187 -8.52 12.42 22.50
CA ASN E 187 -7.82 11.16 22.24
C ASN E 187 -6.85 10.82 23.39
N PRO E 188 -7.31 10.07 24.43
CA PRO E 188 -6.42 9.76 25.57
C PRO E 188 -5.28 8.81 25.24
N GLN E 189 -5.40 7.99 24.18
CA GLN E 189 -4.35 7.06 23.74
C GLN E 189 -3.21 7.72 22.95
N HIS E 190 -3.30 9.04 22.64
CA HIS E 190 -2.31 9.77 21.84
C HIS E 190 -0.87 9.62 22.36
N PHE E 191 -0.67 9.80 23.66
CA PHE E 191 0.65 9.66 24.27
C PHE E 191 1.23 8.27 24.04
N ALA E 192 0.41 7.20 24.22
CA ALA E 192 0.86 5.81 24.02
C ALA E 192 1.18 5.52 22.58
N CYS E 193 0.42 6.10 21.65
CA CYS E 193 0.66 5.95 20.22
C CYS E 193 1.99 6.57 19.79
N LEU E 194 2.35 7.77 20.34
CA LEU E 194 3.64 8.39 20.05
C LEU E 194 4.75 7.47 20.53
N LEU E 195 4.61 6.97 21.77
CA LEU E 195 5.60 6.08 22.38
C LEU E 195 5.74 4.74 21.63
N GLY E 196 4.63 4.24 21.07
CA GLY E 196 4.59 3.04 20.25
C GLY E 196 5.34 3.17 18.94
N ARG E 197 5.45 4.42 18.42
CA ARG E 197 6.18 4.73 17.19
C ARG E 197 7.70 4.64 17.36
N LEU E 198 8.20 4.81 18.61
CA LEU E 198 9.62 4.72 18.95
C LEU E 198 10.12 3.30 18.80
N THR E 199 9.28 2.33 19.17
CA THR E 199 9.56 0.90 19.07
C THR E 199 9.65 0.55 17.58
N GLU E 200 8.78 1.17 16.75
CA GLU E 200 8.79 1.00 15.30
C GLU E 200 10.04 1.67 14.70
N LEU E 201 10.47 2.84 15.27
CA LEU E 201 11.69 3.58 14.88
C LEU E 201 12.92 2.72 15.08
N ARG E 202 12.98 1.95 16.20
CA ARG E 202 14.12 1.06 16.50
C ARG E 202 14.43 -0.01 15.42
N THR E 203 13.40 -0.48 14.69
CA THR E 203 13.60 -1.52 13.66
C THR E 203 14.38 -0.97 12.45
N PHE E 204 14.32 0.36 12.22
CA PHE E 204 15.07 1.04 11.14
C PHE E 204 16.56 1.02 11.41
N ASN E 205 16.94 1.00 12.68
CA ASN E 205 18.36 1.00 13.05
C ASN E 205 19.03 -0.38 12.83
N HIS E 206 18.29 -1.48 13.14
CA HIS E 206 18.75 -2.86 13.02
CA HIS E 206 18.80 -2.85 13.02
C HIS E 206 19.15 -3.25 11.58
N HIS E 207 18.35 -2.82 10.59
CA HIS E 207 18.58 -3.14 9.18
C HIS E 207 19.19 -2.00 8.33
N HIS E 208 19.65 -0.90 8.98
CA HIS E 208 20.15 0.28 8.28
C HIS E 208 21.34 0.05 7.35
N ALA E 209 22.39 -0.67 7.80
CA ALA E 209 23.57 -0.96 6.97
C ALA E 209 23.15 -1.69 5.67
N GLU E 210 22.18 -2.61 5.76
CA GLU E 210 21.60 -3.35 4.62
C GLU E 210 20.82 -2.41 3.70
N MET E 211 19.98 -1.51 4.26
CA MET E 211 19.21 -0.54 3.48
C MET E 211 20.17 0.34 2.66
N LEU E 212 21.26 0.85 3.30
CA LEU E 212 22.25 1.69 2.61
C LEU E 212 22.92 0.99 1.45
N MET E 213 23.42 -0.23 1.70
CA MET E 213 24.14 -1.01 0.73
C MET E 213 23.26 -1.56 -0.40
N SER E 214 21.92 -1.58 -0.21
CA SER E 214 21.01 -2.07 -1.26
C SER E 214 20.48 -0.95 -2.16
N TRP E 215 20.92 0.32 -1.96
CA TRP E 215 20.58 1.43 -2.84
C TRP E 215 21.13 1.10 -4.26
N ARG E 216 20.36 1.39 -5.32
CA ARG E 216 20.70 1.08 -6.72
C ARG E 216 21.77 1.99 -7.35
N VAL E 217 22.99 1.98 -6.78
CA VAL E 217 24.15 2.78 -7.24
C VAL E 217 25.33 1.85 -7.42
N ASN E 218 26.36 2.28 -8.18
CA ASN E 218 27.57 1.49 -8.49
C ASN E 218 28.51 1.39 -7.31
N ASP E 219 28.59 2.47 -6.52
CA ASP E 219 29.50 2.57 -5.38
C ASP E 219 28.85 3.36 -4.27
N HIS E 220 28.91 2.84 -3.06
CA HIS E 220 28.30 3.51 -1.92
C HIS E 220 29.40 4.21 -1.15
N LYS E 221 29.63 5.50 -1.47
CA LYS E 221 30.65 6.33 -0.82
C LYS E 221 30.01 7.13 0.33
N PHE E 222 30.68 7.17 1.48
CA PHE E 222 30.18 7.90 2.65
C PHE E 222 31.21 8.90 3.15
N THR E 223 30.75 9.94 3.85
CA THR E 223 31.67 10.92 4.48
C THR E 223 32.34 10.23 5.70
N PRO E 224 33.53 10.70 6.16
CA PRO E 224 34.16 10.03 7.31
C PRO E 224 33.26 10.06 8.54
N LEU E 225 32.49 11.13 8.76
CA LEU E 225 31.56 11.19 9.87
C LEU E 225 30.44 10.16 9.75
N LEU E 226 29.95 9.88 8.53
CA LEU E 226 28.90 8.86 8.39
C LEU E 226 29.42 7.46 8.62
N CYS E 227 30.70 7.17 8.22
CA CYS E 227 31.32 5.87 8.48
C CYS E 227 31.31 5.57 9.99
N GLU E 228 31.53 6.59 10.83
CA GLU E 228 31.53 6.44 12.30
C GLU E 228 30.16 6.19 12.90
N ILE E 229 29.16 6.97 12.51
CA ILE E 229 27.84 6.82 13.12
C ILE E 229 27.01 5.67 12.52
N TRP E 230 27.19 5.33 11.23
CA TRP E 230 26.40 4.31 10.52
C TRP E 230 27.09 2.93 10.46
N ASP E 231 28.38 2.83 10.87
CA ASP E 231 29.21 1.59 10.86
C ASP E 231 29.35 1.01 9.45
N VAL E 232 29.70 1.87 8.49
CA VAL E 232 29.86 1.50 7.09
C VAL E 232 31.26 1.90 6.61
N GLN E 233 31.65 1.47 5.39
CA GLN E 233 32.96 1.79 4.79
C GLN E 233 32.82 2.60 3.50
N HIS F 3 35.78 6.03 17.93
CA HIS F 3 34.81 6.97 17.37
C HIS F 3 35.33 8.42 17.50
N GLN F 4 36.51 8.69 16.91
CA GLN F 4 37.26 9.96 16.97
C GLN F 4 36.48 11.21 16.56
N LEU F 5 35.74 11.17 15.45
CA LEU F 5 34.99 12.35 15.00
C LEU F 5 33.83 12.65 15.93
N LEU F 6 33.13 11.61 16.39
CA LEU F 6 32.01 11.76 17.31
C LEU F 6 32.48 12.34 18.63
N ARG F 7 33.56 11.76 19.20
CA ARG F 7 34.18 12.21 20.45
C ARG F 7 34.63 13.67 20.32
N TYR F 8 35.19 14.05 19.16
CA TYR F 8 35.60 15.42 18.95
C TYR F 8 34.40 16.37 18.96
N LEU F 9 33.32 16.05 18.23
CA LEU F 9 32.16 16.95 18.20
C LEU F 9 31.49 17.06 19.57
N LEU F 10 31.58 16.02 20.39
CA LEU F 10 31.03 16.06 21.74
C LEU F 10 31.88 16.87 22.72
N ASP F 11 33.22 16.89 22.54
CA ASP F 11 34.14 17.62 23.40
C ASP F 11 34.69 18.86 22.71
N MET G 4 10.15 -1.79 -11.45
CA MET G 4 11.22 -1.12 -10.72
C MET G 4 12.44 -0.88 -11.64
N GLU G 5 13.12 -1.98 -12.06
CA GLU G 5 14.29 -1.97 -12.95
C GLU G 5 14.18 -3.19 -13.86
N LEU G 6 14.59 -3.06 -15.14
CA LEU G 6 14.59 -4.18 -16.08
C LEU G 6 15.68 -5.19 -15.68
N THR G 7 15.37 -6.50 -15.80
CA THR G 7 16.36 -7.53 -15.52
C THR G 7 17.29 -7.65 -16.75
N PRO G 8 18.53 -8.21 -16.65
CA PRO G 8 19.37 -8.36 -17.86
C PRO G 8 18.63 -9.08 -19.00
N ASP G 9 17.80 -10.11 -18.70
CA ASP G 9 16.97 -10.82 -19.68
C ASP G 9 15.94 -9.92 -20.38
N GLN G 10 15.27 -9.03 -19.63
CA GLN G 10 14.31 -8.08 -20.18
C GLN G 10 15.03 -7.04 -21.04
N GLN G 11 16.20 -6.60 -20.58
CA GLN G 11 17.02 -5.63 -21.30
C GLN G 11 17.46 -6.24 -22.65
N THR G 12 17.88 -7.54 -22.64
CA THR G 12 18.31 -8.25 -23.85
C THR G 12 17.16 -8.32 -24.85
N LEU G 13 15.96 -8.76 -24.36
CA LEU G 13 14.75 -8.88 -25.15
C LEU G 13 14.34 -7.54 -25.79
N LEU G 14 14.41 -6.45 -25.00
CA LEU G 14 14.07 -5.11 -25.44
C LEU G 14 14.99 -4.68 -26.57
N HIS G 15 16.32 -4.96 -26.47
CA HIS G 15 17.25 -4.60 -27.56
C HIS G 15 17.01 -5.41 -28.82
N PHE G 16 16.64 -6.71 -28.67
CA PHE G 16 16.31 -7.61 -29.76
C PHE G 16 15.10 -7.07 -30.56
N ILE G 17 14.06 -6.60 -29.84
CA ILE G 17 12.84 -6.03 -30.36
C ILE G 17 13.12 -4.67 -31.02
N MET G 18 13.89 -3.80 -30.33
CA MET G 18 14.28 -2.48 -30.83
C MET G 18 15.03 -2.53 -32.13
N ASP G 19 15.94 -3.49 -32.26
CA ASP G 19 16.71 -3.67 -33.49
C ASP G 19 15.81 -4.09 -34.66
N SER G 20 14.80 -4.94 -34.39
CA SER G 20 13.82 -5.36 -35.40
C SER G 20 12.88 -4.21 -35.80
N TYR G 21 12.48 -3.39 -34.80
CA TYR G 21 11.59 -2.24 -34.98
C TYR G 21 12.26 -1.13 -35.80
N ASN G 22 13.58 -1.01 -35.72
CA ASN G 22 14.33 0.04 -36.43
C ASN G 22 14.60 -0.28 -37.90
N LYS G 23 14.24 -1.50 -38.36
CA LYS G 23 14.39 -1.88 -39.77
C LYS G 23 13.29 -1.23 -40.62
N GLN G 24 12.27 -0.64 -39.98
CA GLN G 24 11.18 0.07 -40.63
C GLN G 24 11.69 1.30 -41.36
N ARG G 25 11.02 1.69 -42.45
CA ARG G 25 11.35 2.90 -43.20
C ARG G 25 11.36 4.11 -42.23
N MET G 26 12.37 4.98 -42.35
CA MET G 26 12.59 6.16 -41.52
C MET G 26 11.41 7.14 -41.55
N PRO G 27 11.01 7.72 -40.39
CA PRO G 27 9.91 8.71 -40.40
C PRO G 27 10.23 9.91 -41.30
N GLN G 28 11.51 10.31 -41.36
CA GLN G 28 11.99 11.40 -42.22
C GLN G 28 11.89 11.06 -43.70
N GLU G 29 12.04 9.78 -44.07
CA GLU G 29 11.91 9.33 -45.46
C GLU G 29 10.45 9.42 -45.93
N ILE G 30 9.48 9.11 -45.03
CA ILE G 30 8.05 9.14 -45.34
C ILE G 30 7.55 10.58 -45.40
N THR G 31 7.84 11.41 -44.37
CA THR G 31 7.42 12.82 -44.32
C THR G 31 8.06 13.70 -45.39
N ASN G 32 9.31 13.38 -45.81
CA ASN G 32 10.01 14.13 -46.87
C ASN G 32 9.22 14.03 -48.18
N LYS G 33 8.79 12.80 -48.54
CA LYS G 33 8.02 12.50 -49.76
C LYS G 33 6.66 13.25 -49.76
N ILE G 34 5.98 13.29 -48.61
CA ILE G 34 4.68 13.94 -48.45
C ILE G 34 4.79 15.48 -48.47
N LEU G 35 5.73 16.07 -47.70
CA LEU G 35 5.91 17.53 -47.62
C LEU G 35 6.55 18.16 -48.87
N LYS G 36 7.28 17.36 -49.68
CA LYS G 36 7.99 17.82 -50.89
C LYS G 36 7.10 18.62 -51.85
N GLU G 37 6.08 17.95 -52.41
CA GLU G 37 5.11 18.53 -53.34
C GLU G 37 3.72 17.98 -53.05
N ALA G 38 2.68 18.77 -53.38
CA ALA G 38 1.30 18.33 -53.20
C ALA G 38 0.97 17.35 -54.33
N PHE G 39 0.48 16.16 -53.98
CA PHE G 39 0.11 15.14 -54.96
C PHE G 39 -1.41 15.05 -55.08
N SER G 40 -1.89 14.50 -56.23
CA SER G 40 -3.31 14.26 -56.47
C SER G 40 -3.79 13.07 -55.58
N ALA G 41 -5.12 12.82 -55.52
CA ALA G 41 -5.71 11.71 -54.77
C ALA G 41 -5.25 10.35 -55.30
N GLU G 42 -5.09 10.24 -56.64
CA GLU G 42 -4.64 9.03 -57.36
C GLU G 42 -3.19 8.72 -57.02
N GLU G 43 -2.31 9.77 -57.04
CA GLU G 43 -0.89 9.66 -56.69
C GLU G 43 -0.71 9.34 -55.22
N ASN G 44 -1.52 9.97 -54.32
CA ASN G 44 -1.48 9.74 -52.88
C ASN G 44 -1.92 8.32 -52.52
N PHE G 45 -2.87 7.74 -53.30
CA PHE G 45 -3.31 6.38 -53.06
C PHE G 45 -2.17 5.40 -53.34
N LEU G 46 -1.38 5.68 -54.41
CA LEU G 46 -0.21 4.89 -54.79
C LEU G 46 0.87 4.92 -53.71
N ILE G 47 1.06 6.10 -53.07
CA ILE G 47 2.02 6.28 -51.98
C ILE G 47 1.57 5.45 -50.80
N LEU G 48 0.27 5.54 -50.42
CA LEU G 48 -0.28 4.77 -49.28
C LEU G 48 -0.07 3.24 -49.46
N THR G 49 -0.45 2.71 -50.63
CA THR G 49 -0.34 1.30 -51.01
C THR G 49 1.13 0.86 -50.97
N GLU G 50 2.06 1.73 -51.36
CA GLU G 50 3.48 1.42 -51.36
C GLU G 50 4.02 1.42 -49.93
N MET G 51 3.73 2.47 -49.14
CA MET G 51 4.13 2.57 -47.73
C MET G 51 3.57 1.39 -46.91
N ALA G 52 2.26 1.09 -47.08
CA ALA G 52 1.59 0.02 -46.35
C ALA G 52 2.19 -1.35 -46.65
N THR G 53 2.55 -1.62 -47.93
CA THR G 53 3.17 -2.88 -48.41
C THR G 53 4.51 -3.02 -47.74
N ASN G 54 5.37 -1.98 -47.86
CA ASN G 54 6.66 -1.99 -47.20
C ASN G 54 6.47 -2.26 -45.68
N HIS G 55 5.56 -1.50 -45.02
CA HIS G 55 5.24 -1.64 -43.61
C HIS G 55 4.89 -3.07 -43.20
N VAL G 56 4.03 -3.76 -43.96
CA VAL G 56 3.62 -5.14 -43.70
C VAL G 56 4.85 -6.10 -43.75
N GLN G 57 5.70 -5.98 -44.78
CA GLN G 57 6.89 -6.85 -44.90
C GLN G 57 7.79 -6.79 -43.68
N VAL G 58 8.04 -5.59 -43.16
CA VAL G 58 8.90 -5.38 -41.98
C VAL G 58 8.14 -5.81 -40.73
N LEU G 59 6.81 -5.66 -40.75
CA LEU G 59 5.97 -6.05 -39.63
C LEU G 59 5.96 -7.57 -39.41
N VAL G 60 5.88 -8.34 -40.49
CA VAL G 60 5.95 -9.81 -40.42
C VAL G 60 7.31 -10.25 -39.87
N GLU G 61 8.42 -9.57 -40.29
CA GLU G 61 9.77 -9.86 -39.80
C GLU G 61 9.86 -9.55 -38.32
N PHE G 62 9.33 -8.38 -37.92
CA PHE G 62 9.29 -7.96 -36.51
C PHE G 62 8.52 -8.98 -35.66
N THR G 63 7.36 -9.42 -36.15
CA THR G 63 6.47 -10.36 -35.46
C THR G 63 7.10 -11.75 -35.27
N LYS G 64 7.66 -12.34 -36.36
CA LYS G 64 8.26 -13.68 -36.29
C LYS G 64 9.43 -13.72 -35.31
N LYS G 65 10.05 -12.54 -35.03
CA LYS G 65 11.14 -12.39 -34.07
C LYS G 65 10.65 -12.14 -32.63
N LEU G 66 9.32 -12.03 -32.40
CA LEU G 66 8.79 -11.85 -31.03
C LEU G 66 8.92 -13.16 -30.26
N PRO G 67 9.35 -13.14 -28.97
CA PRO G 67 9.59 -14.42 -28.26
C PRO G 67 8.37 -15.34 -28.21
N GLY G 68 8.58 -16.56 -28.70
CA GLY G 68 7.57 -17.61 -28.74
C GLY G 68 6.58 -17.56 -29.89
N PHE G 69 6.63 -16.53 -30.74
CA PHE G 69 5.69 -16.40 -31.85
C PHE G 69 5.73 -17.62 -32.79
N GLN G 70 6.92 -18.09 -33.18
CA GLN G 70 7.12 -19.25 -34.08
C GLN G 70 6.69 -20.60 -33.46
N THR G 71 6.31 -20.63 -32.16
CA THR G 71 5.81 -21.81 -31.45
C THR G 71 4.26 -21.88 -31.51
N LEU G 72 3.60 -20.80 -31.99
CA LEU G 72 2.14 -20.75 -32.09
C LEU G 72 1.61 -21.60 -33.23
N ASP G 73 0.33 -22.05 -33.10
CA ASP G 73 -0.37 -22.78 -34.16
C ASP G 73 -0.29 -21.90 -35.42
N HIS G 74 0.02 -22.51 -36.58
CA HIS G 74 0.20 -21.80 -37.84
C HIS G 74 -1.02 -20.99 -38.27
N GLU G 75 -2.26 -21.44 -37.96
CA GLU G 75 -3.47 -20.69 -38.30
C GLU G 75 -3.66 -19.50 -37.37
N ASP G 76 -3.30 -19.66 -36.08
CA ASP G 76 -3.35 -18.57 -35.11
C ASP G 76 -2.35 -17.47 -35.49
N GLN G 77 -1.19 -17.84 -36.06
CA GLN G 77 -0.17 -16.86 -36.49
C GLN G 77 -0.74 -15.90 -37.56
N ILE G 78 -1.44 -16.46 -38.57
CA ILE G 78 -2.08 -15.71 -39.66
C ILE G 78 -3.14 -14.80 -39.06
N ALA G 79 -4.01 -15.34 -38.19
CA ALA G 79 -5.07 -14.57 -37.52
C ALA G 79 -4.50 -13.41 -36.72
N LEU G 80 -3.33 -13.58 -36.07
CA LEU G 80 -2.75 -12.44 -35.32
C LEU G 80 -2.26 -11.38 -36.28
N LEU G 81 -1.71 -11.79 -37.43
CA LEU G 81 -1.20 -10.86 -38.44
C LEU G 81 -2.31 -10.10 -39.11
N LYS G 82 -3.35 -10.80 -39.55
CA LYS G 82 -4.51 -10.17 -40.17
C LYS G 82 -5.27 -9.35 -39.18
N GLY G 83 -5.27 -9.80 -37.91
CA GLY G 83 -5.95 -9.07 -36.84
C GLY G 83 -5.30 -7.76 -36.44
N SER G 84 -3.97 -7.66 -36.56
CA SER G 84 -3.23 -6.50 -36.09
C SER G 84 -2.61 -5.56 -37.13
N ALA G 85 -2.47 -5.98 -38.39
CA ALA G 85 -1.78 -5.18 -39.40
C ALA G 85 -2.29 -3.72 -39.54
N VAL G 86 -3.61 -3.52 -39.61
CA VAL G 86 -4.18 -2.18 -39.73
C VAL G 86 -3.85 -1.32 -38.48
N GLU G 87 -4.06 -1.87 -37.27
CA GLU G 87 -3.80 -1.18 -36.01
C GLU G 87 -2.33 -0.82 -35.90
N ALA G 88 -1.42 -1.71 -36.34
CA ALA G 88 0.02 -1.46 -36.27
C ALA G 88 0.37 -0.36 -37.27
N MET G 89 -0.30 -0.33 -38.45
CA MET G 89 -0.13 0.71 -39.46
C MET G 89 -0.54 2.09 -38.89
N PHE G 90 -1.66 2.16 -38.17
CA PHE G 90 -2.12 3.45 -37.60
C PHE G 90 -1.27 3.91 -36.44
N LEU G 91 -0.70 2.96 -35.66
CA LEU G 91 0.20 3.25 -34.56
C LEU G 91 1.49 3.84 -35.10
N ARG G 92 2.07 3.21 -36.16
CA ARG G 92 3.29 3.72 -36.79
C ARG G 92 3.03 5.08 -37.44
N SER G 93 1.82 5.25 -38.02
CA SER G 93 1.43 6.53 -38.62
C SER G 93 1.36 7.61 -37.51
N ALA G 94 0.81 7.28 -36.32
CA ALA G 94 0.73 8.23 -35.18
C ALA G 94 2.13 8.58 -34.71
N GLU G 95 3.05 7.58 -34.65
CA GLU G 95 4.45 7.82 -34.28
C GLU G 95 5.13 8.79 -35.25
N ILE G 96 4.96 8.57 -36.57
CA ILE G 96 5.57 9.42 -37.62
C ILE G 96 5.06 10.85 -37.50
N PHE G 97 3.71 11.04 -37.48
CA PHE G 97 3.00 12.32 -37.36
C PHE G 97 3.52 13.23 -36.23
N ASN G 98 3.86 12.62 -35.08
CA ASN G 98 4.36 13.28 -33.87
C ASN G 98 5.89 13.42 -33.80
N LYS G 99 6.65 12.88 -34.78
CA LYS G 99 8.11 13.03 -34.77
C LYS G 99 8.45 14.48 -35.01
N LYS G 100 9.47 15.00 -34.28
CA LYS G 100 9.90 16.39 -34.38
C LYS G 100 10.38 16.72 -35.80
N LEU G 101 9.83 17.80 -36.36
CA LEU G 101 10.18 18.25 -37.70
C LEU G 101 10.84 19.63 -37.67
N PRO G 102 11.67 20.02 -38.69
CA PRO G 102 12.27 21.36 -38.68
C PRO G 102 11.21 22.46 -38.62
N SER G 103 11.33 23.35 -37.61
CA SER G 103 10.44 24.47 -37.28
C SER G 103 9.00 24.03 -36.90
N GLY G 104 8.87 22.83 -36.32
CA GLY G 104 7.59 22.25 -35.91
C GLY G 104 6.58 22.15 -37.05
N HIS G 105 7.03 21.54 -38.18
CA HIS G 105 6.34 21.35 -39.47
C HIS G 105 5.02 20.53 -39.43
N SER G 106 4.43 20.35 -38.22
CA SER G 106 3.19 19.60 -37.94
C SER G 106 1.98 19.95 -38.84
N ASP G 107 1.72 21.26 -38.99
CA ASP G 107 0.59 21.81 -39.74
C ASP G 107 0.58 21.45 -41.23
N LEU G 108 1.72 21.57 -41.95
CA LEU G 108 1.74 21.20 -43.38
C LEU G 108 1.48 19.70 -43.58
N LEU G 109 1.95 18.87 -42.66
CA LEU G 109 1.76 17.43 -42.71
C LEU G 109 0.28 17.09 -42.50
N GLU G 110 -0.37 17.77 -41.56
CA GLU G 110 -1.79 17.65 -41.24
C GLU G 110 -2.64 18.09 -42.47
N ALA G 111 -2.16 19.13 -43.22
CA ALA G 111 -2.84 19.65 -44.42
C ALA G 111 -2.79 18.61 -45.55
N ARG G 112 -1.63 17.99 -45.75
CA ARG G 112 -1.41 16.97 -46.78
C ARG G 112 -2.24 15.72 -46.53
N ILE G 113 -2.40 15.30 -45.28
CA ILE G 113 -3.21 14.13 -44.96
C ILE G 113 -4.70 14.46 -45.14
N ARG G 114 -5.14 15.63 -44.64
CA ARG G 114 -6.51 16.16 -44.76
C ARG G 114 -6.96 16.27 -46.23
N ASN G 115 -6.06 16.81 -47.08
CA ASN G 115 -6.34 17.03 -48.49
C ASN G 115 -5.68 15.95 -49.39
N SER G 116 -5.51 14.73 -48.86
CA SER G 116 -4.89 13.63 -49.60
C SER G 116 -5.78 12.91 -50.62
N GLY G 117 -7.08 12.89 -50.35
CA GLY G 117 -8.06 12.16 -51.15
C GLY G 117 -8.95 11.28 -50.30
N ILE G 118 -8.65 11.18 -49.01
CA ILE G 118 -9.47 10.42 -48.07
C ILE G 118 -10.61 11.35 -47.59
N SER G 119 -11.83 10.79 -47.42
CA SER G 119 -13.02 11.54 -46.98
C SER G 119 -12.86 12.07 -45.56
N ASP G 120 -13.35 13.29 -45.32
CA ASP G 120 -13.29 14.03 -44.05
C ASP G 120 -13.91 13.28 -42.86
N GLU G 121 -14.83 12.34 -43.16
CA GLU G 121 -15.50 11.50 -42.17
C GLU G 121 -14.46 10.71 -41.33
N TYR G 122 -13.35 10.30 -41.96
CA TYR G 122 -12.28 9.54 -41.32
C TYR G 122 -11.09 10.38 -40.83
N ILE G 123 -10.85 11.57 -41.40
CA ILE G 123 -9.78 12.48 -41.03
C ILE G 123 -9.89 12.98 -39.57
N THR G 124 -11.12 13.34 -39.15
CA THR G 124 -11.44 13.87 -37.83
C THR G 124 -11.08 12.86 -36.70
N PRO G 125 -11.59 11.60 -36.66
CA PRO G 125 -11.16 10.67 -35.58
C PRO G 125 -9.68 10.23 -35.67
N MET G 126 -9.08 10.30 -36.88
CA MET G 126 -7.70 9.93 -37.15
C MET G 126 -6.76 10.94 -36.50
N PHE G 127 -6.96 12.26 -36.76
CA PHE G 127 -6.16 13.34 -36.19
C PHE G 127 -6.31 13.43 -34.69
N SER G 128 -7.53 13.18 -34.18
CA SER G 128 -7.83 13.17 -32.75
C SER G 128 -6.95 12.10 -32.08
N PHE G 129 -6.88 10.90 -32.68
CA PHE G 129 -6.03 9.81 -32.22
C PHE G 129 -4.53 10.19 -32.25
N TYR G 130 -4.04 10.75 -33.42
CA TYR G 130 -2.64 11.17 -33.58
C TYR G 130 -2.26 12.23 -32.58
N LYS G 131 -3.15 13.21 -32.33
CA LYS G 131 -2.87 14.29 -31.37
C LYS G 131 -2.78 13.73 -29.95
N SER G 132 -3.80 12.96 -29.51
CA SER G 132 -3.83 12.37 -28.17
C SER G 132 -2.62 11.47 -27.90
N ILE G 133 -2.19 10.65 -28.89
CA ILE G 133 -0.98 9.81 -28.83
C ILE G 133 0.26 10.71 -28.55
N GLY G 134 0.32 11.85 -29.24
CA GLY G 134 1.40 12.83 -29.11
C GLY G 134 1.66 13.34 -27.71
N GLU G 135 0.58 13.71 -27.00
CA GLU G 135 0.63 14.21 -25.62
C GLU G 135 1.23 13.17 -24.63
N LEU G 136 1.18 11.85 -24.96
CA LEU G 136 1.76 10.78 -24.13
C LEU G 136 3.31 10.86 -24.10
N LYS G 137 3.92 11.51 -25.11
CA LYS G 137 5.36 11.67 -25.25
C LYS G 137 6.08 10.32 -25.06
N MET G 138 5.62 9.32 -25.81
CA MET G 138 6.17 7.96 -25.81
C MET G 138 7.56 7.93 -26.42
N THR G 139 8.44 7.12 -25.83
CA THR G 139 9.80 6.89 -26.33
C THR G 139 9.67 5.88 -27.47
N GLN G 140 10.77 5.58 -28.19
CA GLN G 140 10.79 4.62 -29.29
C GLN G 140 10.50 3.21 -28.78
N GLU G 141 11.08 2.86 -27.61
CA GLU G 141 10.92 1.55 -26.95
C GLU G 141 9.46 1.28 -26.58
N GLU G 142 8.73 2.33 -26.14
CA GLU G 142 7.33 2.25 -25.79
C GLU G 142 6.48 2.00 -27.03
N TYR G 143 6.78 2.68 -28.16
CA TYR G 143 6.11 2.47 -29.44
C TYR G 143 6.30 1.02 -29.91
N ALA G 144 7.54 0.50 -29.81
CA ALA G 144 7.89 -0.88 -30.20
C ALA G 144 7.21 -1.92 -29.31
N LEU G 145 7.25 -1.71 -27.98
CA LEU G 145 6.57 -2.66 -27.11
C LEU G 145 5.08 -2.61 -27.30
N LEU G 146 4.48 -1.40 -27.44
CA LEU G 146 3.03 -1.32 -27.63
C LEU G 146 2.57 -2.04 -28.92
N THR G 147 3.40 -1.96 -29.98
CA THR G 147 3.18 -2.63 -31.28
C THR G 147 3.17 -4.14 -31.06
N ALA G 148 4.21 -4.66 -30.38
CA ALA G 148 4.31 -6.08 -30.02
C ALA G 148 3.05 -6.50 -29.24
N ILE G 149 2.58 -5.65 -28.30
CA ILE G 149 1.41 -5.93 -27.46
C ILE G 149 0.12 -5.99 -28.30
N VAL G 150 0.00 -5.09 -29.30
CA VAL G 150 -1.10 -5.08 -30.27
C VAL G 150 -1.06 -6.35 -31.13
N ILE G 151 0.12 -6.73 -31.62
CA ILE G 151 0.26 -7.94 -32.42
C ILE G 151 -0.11 -9.20 -31.61
N LEU G 152 0.35 -9.28 -30.38
CA LEU G 152 0.05 -10.44 -29.57
C LEU G 152 -1.20 -10.30 -28.71
N SER G 153 -2.31 -9.78 -29.29
CA SER G 153 -3.60 -9.65 -28.60
C SER G 153 -4.35 -11.00 -28.62
N PRO G 154 -4.67 -11.60 -27.44
CA PRO G 154 -5.39 -12.89 -27.46
C PRO G 154 -6.85 -12.80 -27.94
N ASP G 155 -7.46 -11.63 -27.78
CA ASP G 155 -8.85 -11.38 -28.10
C ASP G 155 -9.10 -11.04 -29.60
N ARG G 156 -8.29 -11.60 -30.52
CA ARG G 156 -8.50 -11.38 -31.95
C ARG G 156 -9.49 -12.41 -32.40
N GLN G 157 -10.34 -12.05 -33.36
CA GLN G 157 -11.29 -13.00 -33.92
C GLN G 157 -10.50 -14.06 -34.68
N TYR G 158 -11.02 -15.31 -34.71
CA TYR G 158 -10.48 -16.51 -35.38
C TYR G 158 -9.27 -17.15 -34.65
N ILE G 159 -8.95 -16.74 -33.40
CA ILE G 159 -7.87 -17.34 -32.63
C ILE G 159 -8.40 -18.59 -31.91
N LYS G 160 -7.79 -19.77 -32.20
CA LYS G 160 -8.20 -21.03 -31.58
C LYS G 160 -7.63 -21.21 -30.15
N ASP G 161 -6.34 -20.90 -29.95
CA ASP G 161 -5.65 -21.04 -28.65
C ASP G 161 -5.29 -19.64 -28.07
N ARG G 162 -6.24 -19.06 -27.32
CA ARG G 162 -6.18 -17.74 -26.70
C ARG G 162 -5.15 -17.69 -25.55
N GLU G 163 -5.09 -18.75 -24.71
CA GLU G 163 -4.19 -18.83 -23.55
C GLU G 163 -2.72 -18.84 -23.94
N ALA G 164 -2.39 -19.46 -25.10
CA ALA G 164 -1.03 -19.52 -25.63
C ALA G 164 -0.59 -18.12 -26.05
N VAL G 165 -1.52 -17.30 -26.62
CA VAL G 165 -1.20 -15.92 -27.02
C VAL G 165 -0.93 -15.04 -25.76
N GLU G 166 -1.83 -15.15 -24.76
CA GLU G 166 -1.76 -14.44 -23.46
C GLU G 166 -0.39 -14.68 -22.80
N LYS G 167 0.11 -15.91 -22.84
CA LYS G 167 1.41 -16.27 -22.27
C LYS G 167 2.57 -15.51 -22.94
N LEU G 168 2.44 -15.19 -24.22
CA LEU G 168 3.46 -14.45 -24.97
C LEU G 168 3.34 -12.95 -24.78
N GLN G 169 2.11 -12.46 -24.61
CA GLN G 169 1.84 -11.04 -24.41
C GLN G 169 2.22 -10.57 -23.00
N GLU G 170 2.02 -11.41 -21.97
CA GLU G 170 2.31 -11.07 -20.55
C GLU G 170 3.74 -10.55 -20.26
N PRO G 171 4.87 -11.22 -20.64
CA PRO G 171 6.19 -10.61 -20.35
C PRO G 171 6.45 -9.28 -21.05
N LEU G 172 5.81 -9.06 -22.23
CA LEU G 172 5.91 -7.79 -23.00
C LEU G 172 5.18 -6.67 -22.25
N LEU G 173 3.97 -6.99 -21.74
CA LEU G 173 3.14 -6.08 -20.95
C LEU G 173 3.94 -5.68 -19.70
N ASP G 174 4.62 -6.67 -19.06
CA ASP G 174 5.47 -6.47 -17.89
C ASP G 174 6.69 -5.59 -18.17
N VAL G 175 7.32 -5.73 -19.34
CA VAL G 175 8.44 -4.86 -19.74
C VAL G 175 7.91 -3.41 -19.95
N LEU G 176 6.80 -3.25 -20.68
CA LEU G 176 6.19 -1.94 -20.94
C LEU G 176 5.84 -1.20 -19.63
N GLN G 177 5.20 -1.91 -18.68
CA GLN G 177 4.85 -1.35 -17.38
C GLN G 177 6.12 -0.83 -16.68
N LYS G 178 7.26 -1.58 -16.80
CA LYS G 178 8.53 -1.15 -16.22
C LYS G 178 9.03 0.12 -16.90
N LEU G 179 9.07 0.15 -18.25
CA LEU G 179 9.47 1.30 -19.05
C LEU G 179 8.67 2.53 -18.65
N CYS G 180 7.33 2.36 -18.39
CA CYS G 180 6.43 3.45 -17.96
C CYS G 180 6.78 3.99 -16.60
N LYS G 181 7.07 3.10 -15.62
CA LYS G 181 7.47 3.51 -14.27
C LYS G 181 8.85 4.21 -14.27
N ILE G 182 9.71 3.87 -15.25
CA ILE G 182 11.06 4.42 -15.42
C ILE G 182 11.06 5.79 -16.15
N HIS G 183 10.49 5.84 -17.36
CA HIS G 183 10.51 7.02 -18.20
C HIS G 183 9.44 8.08 -17.86
N GLN G 184 8.41 7.73 -17.06
CA GLN G 184 7.33 8.66 -16.65
C GLN G 184 6.95 8.39 -15.15
N PRO G 185 7.90 8.49 -14.19
CA PRO G 185 7.59 8.17 -12.78
C PRO G 185 6.59 9.10 -12.08
N GLU G 186 6.45 10.34 -12.57
CA GLU G 186 5.52 11.35 -12.05
C GLU G 186 4.07 11.08 -12.50
N ASN G 187 3.89 10.27 -13.57
CA ASN G 187 2.57 9.96 -14.13
C ASN G 187 2.23 8.49 -13.83
N PRO G 188 1.51 8.23 -12.72
CA PRO G 188 1.24 6.82 -12.36
C PRO G 188 0.21 6.13 -13.25
N GLN G 189 -0.61 6.92 -13.97
CA GLN G 189 -1.64 6.38 -14.87
C GLN G 189 -1.15 6.23 -16.34
N HIS G 190 0.12 6.58 -16.63
CA HIS G 190 0.74 6.50 -17.96
C HIS G 190 0.59 5.14 -18.66
N PHE G 191 0.88 4.06 -17.96
CA PHE G 191 0.79 2.70 -18.50
C PHE G 191 -0.68 2.39 -18.93
N ALA G 192 -1.64 2.64 -18.02
CA ALA G 192 -3.07 2.48 -18.23
C ALA G 192 -3.49 3.32 -19.42
N CYS G 193 -2.96 4.54 -19.53
CA CYS G 193 -3.23 5.44 -20.62
C CYS G 193 -2.78 4.86 -21.98
N LEU G 194 -1.61 4.17 -22.02
CA LEU G 194 -1.13 3.51 -23.25
C LEU G 194 -2.07 2.40 -23.66
N LEU G 195 -2.46 1.54 -22.68
CA LEU G 195 -3.34 0.40 -22.87
C LEU G 195 -4.73 0.82 -23.35
N GLY G 196 -5.21 1.95 -22.85
CA GLY G 196 -6.48 2.56 -23.23
C GLY G 196 -6.50 2.89 -24.71
N ARG G 197 -5.36 3.34 -25.27
CA ARG G 197 -5.25 3.71 -26.70
C ARG G 197 -5.37 2.52 -27.63
N LEU G 198 -5.32 1.28 -27.09
CA LEU G 198 -5.49 0.05 -27.84
C LEU G 198 -6.94 -0.20 -28.19
N THR G 199 -7.88 0.18 -27.28
CA THR G 199 -9.31 0.09 -27.51
C THR G 199 -9.60 1.05 -28.66
N GLU G 200 -8.98 2.24 -28.63
CA GLU G 200 -9.14 3.25 -29.68
C GLU G 200 -8.62 2.82 -31.03
N LEU G 201 -7.53 1.99 -31.07
CA LEU G 201 -6.98 1.45 -32.33
C LEU G 201 -7.96 0.53 -33.06
N ARG G 202 -8.77 -0.25 -32.31
CA ARG G 202 -9.71 -1.25 -32.84
C ARG G 202 -10.77 -0.68 -33.77
N THR G 203 -11.22 0.57 -33.51
CA THR G 203 -12.22 1.25 -34.35
C THR G 203 -11.68 1.39 -35.79
N PHE G 204 -10.41 1.80 -35.94
CA PHE G 204 -9.72 1.95 -37.23
C PHE G 204 -9.74 0.62 -37.99
N ASN G 205 -9.45 -0.48 -37.28
CA ASN G 205 -9.47 -1.83 -37.84
C ASN G 205 -10.90 -2.16 -38.31
N HIS G 206 -11.92 -1.82 -37.50
CA HIS G 206 -13.32 -2.06 -37.85
C HIS G 206 -13.78 -1.35 -39.14
N HIS G 207 -13.39 -0.08 -39.32
CA HIS G 207 -13.84 0.73 -40.47
C HIS G 207 -12.84 0.86 -41.64
N HIS G 208 -11.81 0.01 -41.70
CA HIS G 208 -10.78 0.14 -42.72
C HIS G 208 -11.24 -0.13 -44.15
N ALA G 209 -12.03 -1.19 -44.39
CA ALA G 209 -12.57 -1.48 -45.74
C ALA G 209 -13.31 -0.25 -46.28
N GLU G 210 -14.18 0.37 -45.44
CA GLU G 210 -14.96 1.57 -45.81
C GLU G 210 -14.02 2.78 -46.02
N MET G 211 -13.00 2.93 -45.16
CA MET G 211 -11.99 3.98 -45.25
C MET G 211 -11.25 3.93 -46.60
N LEU G 212 -10.86 2.73 -47.03
CA LEU G 212 -10.17 2.54 -48.31
C LEU G 212 -11.07 2.88 -49.48
N MET G 213 -12.37 2.48 -49.44
CA MET G 213 -13.35 2.77 -50.48
C MET G 213 -13.74 4.23 -50.51
N SER G 214 -13.64 4.92 -49.36
CA SER G 214 -13.96 6.34 -49.24
C SER G 214 -12.95 7.25 -49.95
N TRP G 215 -11.78 6.70 -50.35
CA TRP G 215 -10.75 7.40 -51.12
C TRP G 215 -11.31 7.74 -52.50
N ARG G 216 -11.19 9.02 -52.88
CA ARG G 216 -11.70 9.56 -54.16
C ARG G 216 -10.81 9.18 -55.37
N VAL G 217 -10.65 7.87 -55.63
CA VAL G 217 -9.85 7.32 -56.73
C VAL G 217 -10.70 6.44 -57.66
N ASN G 218 -10.39 6.47 -58.98
CA ASN G 218 -11.08 5.70 -60.01
C ASN G 218 -10.95 4.18 -59.81
N ASP G 219 -9.81 3.72 -59.28
CA ASP G 219 -9.59 2.31 -59.00
C ASP G 219 -8.76 2.13 -57.73
N HIS G 220 -9.11 1.10 -56.95
CA HIS G 220 -8.40 0.80 -55.70
C HIS G 220 -7.52 -0.43 -55.93
N LYS G 221 -6.35 -0.19 -56.55
CA LYS G 221 -5.38 -1.24 -56.84
C LYS G 221 -4.50 -1.51 -55.61
N PHE G 222 -4.39 -2.79 -55.24
CA PHE G 222 -3.60 -3.24 -54.11
C PHE G 222 -2.60 -4.29 -54.55
N THR G 223 -1.45 -4.37 -53.86
CA THR G 223 -0.40 -5.37 -54.13
C THR G 223 -0.92 -6.74 -53.68
N PRO G 224 -0.42 -7.88 -54.22
CA PRO G 224 -0.92 -9.20 -53.75
C PRO G 224 -0.82 -9.40 -52.23
N LEU G 225 0.22 -8.82 -51.60
CA LEU G 225 0.45 -8.88 -50.17
C LEU G 225 -0.60 -8.13 -49.37
N LEU G 226 -1.02 -6.94 -49.86
CA LEU G 226 -2.06 -6.18 -49.18
C LEU G 226 -3.42 -6.87 -49.30
N CYS G 227 -3.64 -7.61 -50.40
CA CYS G 227 -4.89 -8.37 -50.59
C CYS G 227 -5.02 -9.50 -49.59
N GLU G 228 -3.89 -10.13 -49.24
CA GLU G 228 -3.85 -11.23 -48.27
C GLU G 228 -4.06 -10.73 -46.87
N ILE G 229 -3.31 -9.68 -46.45
CA ILE G 229 -3.35 -9.20 -45.07
C ILE G 229 -4.62 -8.34 -44.76
N TRP G 230 -5.21 -7.64 -45.75
CA TRP G 230 -6.38 -6.80 -45.47
C TRP G 230 -7.71 -7.43 -45.89
N ASP G 231 -7.66 -8.50 -46.72
CA ASP G 231 -8.83 -9.17 -47.30
C ASP G 231 -9.57 -8.13 -48.16
N VAL G 232 -8.93 -7.71 -49.26
CA VAL G 232 -9.45 -6.69 -50.19
C VAL G 232 -9.33 -7.15 -51.64
N HIS H 3 -2.68 -16.28 -46.34
CA HIS H 3 -2.42 -17.15 -47.48
C HIS H 3 -0.92 -17.37 -47.75
N GLN H 4 -0.58 -17.89 -48.96
CA GLN H 4 0.77 -18.30 -49.40
C GLN H 4 1.87 -17.25 -49.18
N LEU H 5 1.60 -15.93 -49.43
CA LEU H 5 2.60 -14.91 -49.21
C LEU H 5 2.92 -14.77 -47.72
N LEU H 6 1.86 -14.71 -46.88
CA LEU H 6 2.03 -14.60 -45.42
C LEU H 6 2.74 -15.81 -44.87
N ARG H 7 2.38 -17.01 -45.37
CA ARG H 7 3.03 -18.25 -44.99
C ARG H 7 4.51 -18.23 -45.44
N TYR H 8 4.79 -17.66 -46.64
CA TYR H 8 6.15 -17.53 -47.12
C TYR H 8 6.97 -16.61 -46.25
N LEU H 9 6.42 -15.43 -45.86
CA LEU H 9 7.20 -14.50 -45.00
C LEU H 9 7.45 -15.01 -43.57
N LEU H 10 6.57 -15.86 -43.03
CA LEU H 10 6.70 -16.44 -41.69
C LEU H 10 7.69 -17.62 -41.63
N ASP H 11 7.83 -18.35 -42.73
CA ASP H 11 8.67 -19.54 -42.78
C ASP H 11 10.06 -19.31 -43.33
N LYS H 12 10.27 -18.30 -44.21
CA LYS H 12 11.57 -18.01 -44.83
C LYS H 12 12.72 -17.69 -43.85
#